data_1BRR
#
_entry.id   1BRR
#
_cell.length_a   120.520
_cell.length_b   105.960
_cell.length_c   80.190
_cell.angle_alpha   90.00
_cell.angle_beta   94.94
_cell.angle_gamma   90.00
#
_symmetry.space_group_name_H-M   'C 1 2 1'
#
loop_
_entity.id
_entity.type
_entity.pdbx_description
1 polymer 'PROTEIN (BACTERIORHODOPSIN)'
2 branched 3-O-sulfo-beta-D-galactopyranose-(1-6)-alpha-D-mannopyranose-(1-2)-alpha-D-glucopyranose
3 non-polymer RETINAL
4 non-polymer 3,7,11,15-TETRAMETHYL-HEXADECAN-1-OL
5 non-polymer GLYCEROL
6 non-polymer beta-D-glucopyranose
7 non-polymer N-OCTANE
#
_entity_poly.entity_id   1
_entity_poly.type   'polypeptide(L)'
_entity_poly.pdbx_seq_one_letter_code
;(PCA)AQITGRPEWIWLALGTALMGLGTLYFLVKGMGVSDPDAKKFYAITTLVPAIAFTMYLSMLLGYGLTMVPFGGEQN
PIYWARYADWLFTTPLLLLDLALLVDADQGTILALVGADGIMIGTGLVGALTKVYSYRFVWWAISTAAMLYILYVLFFGF
TSKAESMRPEVASTFKVLRNVTVVLWSAYPVVWLIGSEGAGIVPLNIETLLFMVLDVSAKVGFGLILLRSRAIFGEAEAP
EPSADGAAATS
;
_entity_poly.pdbx_strand_id   A,B,C
#
# COMPACT_ATOMS: atom_id res chain seq x y z
N GLN A 3 -13.40 -22.31 21.09
CA GLN A 3 -12.77 -21.50 20.01
C GLN A 3 -11.26 -21.44 20.23
N ILE A 4 -10.70 -22.59 20.58
CA ILE A 4 -9.26 -22.75 20.84
C ILE A 4 -8.42 -22.18 19.69
N THR A 5 -8.50 -22.84 18.53
CA THR A 5 -7.79 -22.46 17.31
C THR A 5 -6.29 -22.27 17.45
N GLY A 6 -5.89 -21.31 18.28
CA GLY A 6 -4.48 -21.06 18.47
C GLY A 6 -4.00 -21.60 19.80
N ARG A 7 -3.47 -22.83 19.78
CA ARG A 7 -2.96 -23.44 21.01
C ARG A 7 -1.93 -24.56 20.76
N PRO A 8 -2.22 -25.52 19.87
CA PRO A 8 -1.26 -26.61 19.61
C PRO A 8 0.01 -26.12 18.91
N GLU A 9 -0.19 -25.41 17.81
CA GLU A 9 0.89 -24.86 16.99
C GLU A 9 1.66 -23.70 17.62
N TRP A 10 1.40 -23.41 18.89
CA TRP A 10 2.07 -22.31 19.58
C TRP A 10 3.58 -22.43 19.49
N ILE A 11 4.09 -23.65 19.69
CA ILE A 11 5.53 -23.90 19.65
C ILE A 11 6.13 -23.55 18.29
N TRP A 12 5.43 -23.90 17.23
CA TRP A 12 5.90 -23.60 15.89
C TRP A 12 5.94 -22.08 15.69
N LEU A 13 4.83 -21.43 16.03
CA LEU A 13 4.69 -19.98 15.92
C LEU A 13 5.75 -19.24 16.75
N ALA A 14 6.00 -19.73 17.96
CA ALA A 14 6.99 -19.12 18.86
C ALA A 14 8.39 -19.38 18.33
N LEU A 15 8.60 -20.57 17.77
CA LEU A 15 9.91 -20.91 17.22
C LEU A 15 10.10 -20.04 15.98
N GLY A 16 9.01 -19.86 15.22
CA GLY A 16 9.06 -19.05 14.01
C GLY A 16 9.36 -17.61 14.36
N THR A 17 8.77 -17.13 15.46
CA THR A 17 8.99 -15.77 15.94
C THR A 17 10.42 -15.65 16.42
N ALA A 18 10.95 -16.72 16.99
CA ALA A 18 12.31 -16.75 17.50
C ALA A 18 13.34 -16.61 16.37
N LEU A 19 13.28 -17.51 15.42
CA LEU A 19 14.21 -17.50 14.30
C LEU A 19 14.14 -16.19 13.50
N MET A 20 12.93 -15.70 13.27
CA MET A 20 12.73 -14.45 12.52
C MET A 20 13.29 -13.24 13.27
N GLY A 21 13.27 -13.31 14.60
CA GLY A 21 13.78 -12.21 15.41
C GLY A 21 15.31 -12.19 15.40
N LEU A 22 15.90 -13.35 15.68
CA LEU A 22 17.36 -13.47 15.71
C LEU A 22 17.93 -13.23 14.32
N GLY A 23 17.26 -13.78 13.30
CA GLY A 23 17.70 -13.61 11.92
C GLY A 23 17.78 -12.15 11.56
N THR A 24 16.87 -11.36 12.12
CA THR A 24 16.83 -9.92 11.87
C THR A 24 17.94 -9.22 12.64
N LEU A 25 18.02 -9.47 13.95
CA LEU A 25 19.06 -8.86 14.76
C LEU A 25 20.42 -9.18 14.13
N TYR A 26 20.56 -10.41 13.64
CA TYR A 26 21.80 -10.85 13.01
C TYR A 26 22.12 -9.95 11.83
N PHE A 27 21.14 -9.78 10.93
CA PHE A 27 21.28 -8.94 9.73
C PHE A 27 21.39 -7.45 10.06
N LEU A 28 21.00 -7.08 11.27
CA LEU A 28 21.09 -5.70 11.72
C LEU A 28 22.49 -5.44 12.26
N VAL A 29 22.94 -6.32 13.15
CA VAL A 29 24.27 -6.25 13.75
C VAL A 29 25.35 -6.85 12.80
N LYS A 30 25.07 -6.82 11.51
CA LYS A 30 25.99 -7.32 10.49
C LYS A 30 26.14 -6.27 9.39
N GLY A 31 25.11 -5.45 9.23
CA GLY A 31 25.15 -4.41 8.22
C GLY A 31 25.75 -3.13 8.74
N MET A 32 26.27 -3.19 9.98
CA MET A 32 26.88 -2.05 10.67
C MET A 32 27.73 -1.18 9.73
N GLY A 33 28.86 -1.70 9.27
CA GLY A 33 29.73 -0.96 8.38
C GLY A 33 29.02 -0.62 7.08
N VAL A 34 29.32 -1.37 6.02
CA VAL A 34 28.73 -1.21 4.69
C VAL A 34 28.70 0.22 4.16
N SER A 35 29.53 0.49 3.16
CA SER A 35 29.63 1.81 2.57
C SER A 35 28.98 1.89 1.19
N ASP A 36 29.19 0.84 0.39
CA ASP A 36 28.66 0.77 -0.97
C ASP A 36 27.13 0.90 -1.05
N PRO A 37 26.65 1.98 -1.69
CA PRO A 37 25.22 2.24 -1.84
C PRO A 37 24.46 1.11 -2.53
N ASP A 38 25.17 0.31 -3.33
CA ASP A 38 24.57 -0.81 -4.04
C ASP A 38 24.35 -2.01 -3.12
N ALA A 39 25.32 -2.25 -2.24
CA ALA A 39 25.20 -3.36 -1.29
C ALA A 39 24.27 -2.91 -0.16
N LYS A 40 24.15 -1.58 -0.02
CA LYS A 40 23.30 -0.99 1.00
C LYS A 40 21.86 -1.43 0.75
N LYS A 41 21.43 -1.34 -0.50
CA LYS A 41 20.09 -1.72 -0.91
C LYS A 41 19.77 -3.15 -0.48
N PHE A 42 20.67 -4.07 -0.82
CA PHE A 42 20.49 -5.48 -0.49
C PHE A 42 20.33 -5.75 1.01
N TYR A 43 21.10 -5.04 1.83
CA TYR A 43 21.01 -5.21 3.28
C TYR A 43 19.69 -4.65 3.80
N ALA A 44 19.29 -3.51 3.25
CA ALA A 44 18.03 -2.86 3.66
C ALA A 44 16.83 -3.73 3.30
N ILE A 45 16.84 -4.28 2.08
CA ILE A 45 15.75 -5.13 1.63
C ILE A 45 15.72 -6.43 2.43
N THR A 46 16.87 -7.09 2.52
CA THR A 46 17.00 -8.36 3.22
C THR A 46 16.76 -8.32 4.73
N THR A 47 16.82 -7.15 5.34
CA THR A 47 16.58 -7.08 6.78
C THR A 47 15.09 -6.87 7.09
N LEU A 48 14.41 -6.07 6.27
CA LEU A 48 12.99 -5.83 6.48
C LEU A 48 12.17 -7.11 6.37
N VAL A 49 12.52 -7.97 5.41
CA VAL A 49 11.82 -9.24 5.21
C VAL A 49 11.64 -10.06 6.49
N PRO A 50 12.74 -10.33 7.24
CA PRO A 50 12.62 -11.11 8.48
C PRO A 50 11.94 -10.30 9.58
N ALA A 51 12.22 -9.00 9.61
CA ALA A 51 11.65 -8.09 10.60
C ALA A 51 10.14 -8.03 10.45
N ILE A 52 9.69 -7.93 9.20
CA ILE A 52 8.27 -7.88 8.90
C ILE A 52 7.64 -9.17 9.36
N ALA A 53 8.32 -10.28 9.09
CA ALA A 53 7.85 -11.60 9.49
C ALA A 53 7.84 -11.79 11.00
N PHE A 54 8.73 -11.09 11.70
CA PHE A 54 8.79 -11.19 13.16
C PHE A 54 7.50 -10.64 13.72
N THR A 55 7.16 -9.44 13.27
CA THR A 55 5.95 -8.76 13.69
C THR A 55 4.75 -9.65 13.44
N MET A 56 4.66 -10.21 12.24
CA MET A 56 3.53 -11.06 11.90
C MET A 56 3.46 -12.40 12.63
N TYR A 57 4.60 -13.02 12.89
CA TYR A 57 4.58 -14.29 13.62
C TYR A 57 4.12 -14.05 15.05
N LEU A 58 4.60 -12.96 15.63
CA LEU A 58 4.25 -12.61 17.00
C LEU A 58 2.75 -12.48 17.15
N SER A 59 2.10 -11.78 16.22
CA SER A 59 0.65 -11.57 16.26
C SER A 59 -0.11 -12.88 16.25
N MET A 60 0.40 -13.85 15.48
CA MET A 60 -0.22 -15.17 15.38
C MET A 60 -0.07 -15.87 16.73
N LEU A 61 1.13 -15.77 17.31
CA LEU A 61 1.41 -16.38 18.60
C LEU A 61 0.58 -15.74 19.71
N LEU A 62 0.36 -14.42 19.63
CA LEU A 62 -0.42 -13.73 20.65
C LEU A 62 -1.92 -13.77 20.33
N GLY A 63 -2.28 -14.58 19.33
CA GLY A 63 -3.67 -14.73 18.96
C GLY A 63 -4.30 -13.74 18.02
N TYR A 64 -3.83 -12.50 18.03
CA TYR A 64 -4.36 -11.43 17.18
C TYR A 64 -4.47 -11.78 15.70
N GLY A 65 -3.42 -12.43 15.20
CA GLY A 65 -3.37 -12.82 13.80
C GLY A 65 -4.10 -14.10 13.48
N LEU A 66 -5.18 -14.39 14.23
CA LEU A 66 -5.96 -15.58 14.02
C LEU A 66 -7.41 -15.13 13.83
N THR A 67 -8.15 -15.82 12.97
CA THR A 67 -9.56 -15.49 12.73
C THR A 67 -10.38 -16.73 12.37
N MET A 68 -11.67 -16.66 12.68
CA MET A 68 -12.59 -17.76 12.41
C MET A 68 -13.41 -17.54 11.15
N VAL A 69 -13.29 -18.50 10.22
CA VAL A 69 -14.01 -18.45 8.95
C VAL A 69 -15.07 -19.55 8.91
N PRO A 70 -16.33 -19.17 8.63
CA PRO A 70 -17.46 -20.10 8.56
C PRO A 70 -17.70 -20.81 7.23
N PHE A 71 -16.90 -21.84 6.95
CA PHE A 71 -17.09 -22.62 5.73
C PHE A 71 -17.21 -24.09 6.10
N GLY A 72 -18.04 -24.83 5.37
CA GLY A 72 -18.21 -26.25 5.62
C GLY A 72 -18.84 -26.60 6.96
N GLY A 73 -20.01 -26.06 7.21
CA GLY A 73 -20.73 -26.32 8.44
C GLY A 73 -19.98 -26.10 9.73
N GLU A 74 -18.97 -25.23 9.74
CA GLU A 74 -18.20 -24.99 10.96
C GLU A 74 -17.32 -23.75 10.90
N GLN A 75 -16.84 -23.34 12.08
CA GLN A 75 -15.95 -22.20 12.21
C GLN A 75 -14.55 -22.76 12.02
N ASN A 76 -13.74 -22.06 11.24
CA ASN A 76 -12.38 -22.51 10.94
C ASN A 76 -11.25 -21.56 11.32
N PRO A 77 -10.17 -22.09 11.93
CA PRO A 77 -8.99 -21.35 12.37
C PRO A 77 -8.14 -20.91 11.19
N ILE A 78 -8.24 -19.63 10.82
CA ILE A 78 -7.49 -19.04 9.71
C ILE A 78 -6.53 -17.95 10.19
N TYR A 79 -5.26 -18.11 9.85
CA TYR A 79 -4.23 -17.14 10.21
C TYR A 79 -4.05 -16.16 9.03
N TRP A 80 -4.80 -15.06 9.05
CA TRP A 80 -4.69 -14.06 7.98
C TRP A 80 -3.36 -13.31 8.02
N ALA A 81 -2.73 -13.28 9.19
CA ALA A 81 -1.47 -12.59 9.39
C ALA A 81 -0.37 -12.98 8.40
N ARG A 82 -0.47 -14.19 7.85
CA ARG A 82 0.53 -14.64 6.89
C ARG A 82 0.47 -13.80 5.61
N TYR A 83 -0.75 -13.44 5.22
CA TYR A 83 -0.97 -12.64 4.01
C TYR A 83 -0.59 -11.19 4.25
N ALA A 84 -0.77 -10.71 5.48
CA ALA A 84 -0.39 -9.35 5.84
C ALA A 84 1.12 -9.32 5.71
N ASP A 85 1.76 -10.40 6.15
CA ASP A 85 3.20 -10.59 6.09
C ASP A 85 3.59 -10.64 4.63
N TRP A 86 3.19 -11.75 4.00
CA TRP A 86 3.48 -12.05 2.60
C TRP A 86 3.27 -10.92 1.60
N LEU A 87 2.17 -10.18 1.75
CA LEU A 87 1.84 -9.08 0.85
C LEU A 87 3.03 -8.16 0.60
N PHE A 88 3.78 -7.86 1.66
CA PHE A 88 4.96 -6.98 1.60
C PHE A 88 6.26 -7.76 1.44
N THR A 89 6.41 -8.78 2.28
CA THR A 89 7.59 -9.64 2.29
C THR A 89 8.03 -10.22 0.96
N THR A 90 7.11 -10.87 0.25
CA THR A 90 7.45 -11.49 -1.02
C THR A 90 7.99 -10.53 -2.12
N PRO A 91 7.35 -9.36 -2.30
CA PRO A 91 7.81 -8.39 -3.30
C PRO A 91 9.24 -7.94 -3.02
N LEU A 92 9.64 -8.02 -1.75
CA LEU A 92 10.99 -7.64 -1.34
C LEU A 92 12.00 -8.70 -1.78
N LEU A 93 11.64 -9.97 -1.60
CA LEU A 93 12.52 -11.05 -2.02
C LEU A 93 12.76 -10.96 -3.51
N LEU A 94 11.71 -10.56 -4.24
CA LEU A 94 11.77 -10.42 -5.69
C LEU A 94 12.53 -9.17 -6.10
N LEU A 95 12.57 -8.19 -5.20
CA LEU A 95 13.28 -6.94 -5.49
C LEU A 95 14.77 -7.23 -5.40
N ASP A 96 15.16 -8.05 -4.43
CA ASP A 96 16.57 -8.43 -4.25
C ASP A 96 17.04 -9.08 -5.56
N LEU A 97 16.25 -10.03 -6.05
CA LEU A 97 16.56 -10.74 -7.29
C LEU A 97 16.63 -9.79 -8.47
N ALA A 98 15.63 -8.93 -8.59
CA ALA A 98 15.60 -7.94 -9.67
C ALA A 98 16.88 -7.13 -9.63
N LEU A 99 17.16 -6.51 -8.49
CA LEU A 99 18.36 -5.69 -8.30
C LEU A 99 19.66 -6.44 -8.55
N LEU A 100 19.67 -7.74 -8.27
CA LEU A 100 20.86 -8.55 -8.48
C LEU A 100 21.15 -8.76 -9.96
N VAL A 101 20.10 -8.92 -10.76
CA VAL A 101 20.22 -9.14 -12.20
C VAL A 101 20.05 -7.84 -12.99
N ASP A 102 19.92 -6.73 -12.28
CA ASP A 102 19.73 -5.41 -12.90
C ASP A 102 18.58 -5.47 -13.90
N ALA A 103 17.46 -6.04 -13.49
CA ALA A 103 16.29 -6.18 -14.34
C ALA A 103 15.68 -4.84 -14.71
N ASP A 104 14.95 -4.83 -15.82
CA ASP A 104 14.29 -3.61 -16.31
C ASP A 104 13.11 -3.24 -15.43
N GLN A 105 12.87 -1.94 -15.28
CA GLN A 105 11.76 -1.44 -14.47
C GLN A 105 10.43 -2.00 -14.95
N GLY A 106 10.41 -2.48 -16.19
CA GLY A 106 9.19 -3.06 -16.74
C GLY A 106 8.91 -4.40 -16.08
N THR A 107 9.91 -5.27 -16.04
CA THR A 107 9.72 -6.58 -15.45
C THR A 107 9.56 -6.52 -13.93
N ILE A 108 10.16 -5.50 -13.31
CA ILE A 108 10.05 -5.37 -11.87
C ILE A 108 8.60 -5.08 -11.50
N LEU A 109 8.01 -4.08 -12.16
CA LEU A 109 6.63 -3.71 -11.91
C LEU A 109 5.68 -4.87 -12.19
N ALA A 110 5.85 -5.49 -13.35
CA ALA A 110 5.03 -6.64 -13.74
C ALA A 110 5.16 -7.74 -12.70
N LEU A 111 6.37 -7.91 -12.19
CA LEU A 111 6.67 -8.90 -11.19
C LEU A 111 5.96 -8.60 -9.88
N VAL A 112 6.26 -7.44 -9.30
CA VAL A 112 5.66 -7.00 -8.04
C VAL A 112 4.14 -7.00 -8.14
N GLY A 113 3.63 -6.43 -9.23
CA GLY A 113 2.21 -6.38 -9.45
C GLY A 113 1.62 -7.78 -9.33
N ALA A 114 2.22 -8.71 -10.07
CA ALA A 114 1.79 -10.12 -10.08
C ALA A 114 1.88 -10.73 -8.69
N ASP A 115 2.94 -10.40 -7.97
CA ASP A 115 3.12 -10.92 -6.62
C ASP A 115 2.01 -10.41 -5.73
N GLY A 116 1.54 -9.20 -6.03
CA GLY A 116 0.44 -8.59 -5.30
C GLY A 116 -0.85 -9.35 -5.54
N ILE A 117 -1.09 -9.76 -6.79
CA ILE A 117 -2.29 -10.52 -7.10
C ILE A 117 -2.21 -11.91 -6.41
N MET A 118 -1.02 -12.53 -6.43
CA MET A 118 -0.79 -13.82 -5.82
C MET A 118 -1.25 -13.91 -4.37
N ILE A 119 -0.72 -13.01 -3.54
CA ILE A 119 -1.07 -12.97 -2.13
C ILE A 119 -2.50 -12.51 -1.92
N GLY A 120 -2.84 -11.37 -2.53
CA GLY A 120 -4.19 -10.81 -2.40
C GLY A 120 -5.27 -11.81 -2.71
N THR A 121 -5.06 -12.59 -3.77
CA THR A 121 -6.00 -13.61 -4.19
C THR A 121 -6.03 -14.75 -3.16
N GLY A 122 -4.85 -15.13 -2.69
CA GLY A 122 -4.74 -16.18 -1.69
C GLY A 122 -5.52 -15.77 -0.46
N LEU A 123 -5.33 -14.51 -0.05
CA LEU A 123 -6.02 -13.97 1.11
C LEU A 123 -7.53 -14.07 0.91
N VAL A 124 -7.99 -13.74 -0.29
CA VAL A 124 -9.40 -13.78 -0.63
C VAL A 124 -9.93 -15.19 -0.48
N GLY A 125 -9.16 -16.14 -1.02
CA GLY A 125 -9.55 -17.53 -0.98
C GLY A 125 -9.61 -18.03 0.43
N ALA A 126 -8.60 -17.66 1.21
CA ALA A 126 -8.50 -18.07 2.60
C ALA A 126 -9.64 -17.57 3.48
N LEU A 127 -10.29 -16.50 3.07
CA LEU A 127 -11.38 -15.95 3.85
C LEU A 127 -12.75 -16.17 3.23
N THR A 128 -12.79 -16.91 2.12
CA THR A 128 -14.06 -17.19 1.43
C THR A 128 -14.90 -18.23 2.15
N LYS A 129 -16.18 -17.89 2.34
CA LYS A 129 -17.14 -18.74 3.03
C LYS A 129 -17.57 -19.96 2.20
N VAL A 130 -17.80 -19.78 0.90
CA VAL A 130 -18.22 -20.86 0.02
C VAL A 130 -17.05 -21.76 -0.36
N TYR A 131 -16.91 -22.85 0.38
CA TYR A 131 -15.84 -23.84 0.20
C TYR A 131 -15.29 -24.07 -1.21
N SER A 132 -16.18 -24.31 -2.18
CA SER A 132 -15.80 -24.57 -3.57
C SER A 132 -14.90 -23.48 -4.14
N TYR A 133 -15.42 -22.26 -4.07
CA TYR A 133 -14.75 -21.07 -4.56
C TYR A 133 -13.29 -20.92 -4.10
N ARG A 134 -13.01 -21.32 -2.87
CA ARG A 134 -11.66 -21.23 -2.29
C ARG A 134 -10.61 -21.83 -3.24
N PHE A 135 -11.00 -22.84 -4.00
CA PHE A 135 -10.08 -23.48 -4.93
C PHE A 135 -9.91 -22.68 -6.22
N VAL A 136 -10.97 -21.97 -6.61
CA VAL A 136 -10.96 -21.12 -7.79
C VAL A 136 -9.86 -20.09 -7.55
N TRP A 137 -9.86 -19.50 -6.36
CA TRP A 137 -8.87 -18.50 -5.95
C TRP A 137 -7.48 -19.10 -5.78
N TRP A 138 -7.41 -20.34 -5.32
CA TRP A 138 -6.13 -21.01 -5.17
C TRP A 138 -5.49 -21.18 -6.57
N ALA A 139 -6.31 -21.59 -7.54
CA ALA A 139 -5.88 -21.79 -8.91
C ALA A 139 -5.37 -20.49 -9.51
N ILE A 140 -6.13 -19.43 -9.32
CA ILE A 140 -5.78 -18.11 -9.83
C ILE A 140 -4.46 -17.64 -9.19
N SER A 141 -4.29 -17.94 -7.90
CA SER A 141 -3.09 -17.56 -7.18
C SER A 141 -1.89 -18.36 -7.72
N THR A 142 -2.08 -19.66 -7.89
CA THR A 142 -1.02 -20.53 -8.40
C THR A 142 -0.59 -20.08 -9.79
N ALA A 143 -1.56 -19.71 -10.62
CA ALA A 143 -1.27 -19.23 -11.97
C ALA A 143 -0.35 -18.02 -11.90
N ALA A 144 -0.60 -17.16 -10.89
CA ALA A 144 0.18 -15.96 -10.69
C ALA A 144 1.59 -16.33 -10.23
N MET A 145 1.70 -17.31 -9.35
CA MET A 145 3.01 -17.75 -8.88
C MET A 145 3.80 -18.31 -10.08
N LEU A 146 3.16 -19.22 -10.82
CA LEU A 146 3.74 -19.85 -11.99
C LEU A 146 4.27 -18.84 -13.00
N TYR A 147 3.58 -17.72 -13.14
CA TYR A 147 4.02 -16.66 -14.05
C TYR A 147 5.30 -16.03 -13.48
N ILE A 148 5.32 -15.81 -12.16
CA ILE A 148 6.46 -15.21 -11.48
C ILE A 148 7.71 -16.06 -11.58
N LEU A 149 7.59 -17.34 -11.21
CA LEU A 149 8.73 -18.26 -11.25
C LEU A 149 9.28 -18.41 -12.66
N TYR A 150 8.41 -18.21 -13.65
CA TYR A 150 8.82 -18.32 -15.05
C TYR A 150 9.86 -17.26 -15.36
N VAL A 151 9.50 -16.00 -15.18
CA VAL A 151 10.41 -14.91 -15.47
C VAL A 151 11.67 -15.04 -14.62
N LEU A 152 11.56 -15.67 -13.46
CA LEU A 152 12.73 -15.85 -12.59
C LEU A 152 13.62 -16.92 -13.15
N PHE A 153 12.99 -18.00 -13.63
CA PHE A 153 13.74 -19.11 -14.19
C PHE A 153 14.08 -18.83 -15.65
N PHE A 154 13.08 -18.96 -16.52
CA PHE A 154 13.27 -18.73 -17.96
C PHE A 154 13.30 -17.26 -18.37
N GLY A 155 13.92 -16.42 -17.56
CA GLY A 155 14.01 -15.01 -17.88
C GLY A 155 15.13 -14.28 -17.18
N PHE A 156 15.22 -14.47 -15.86
CA PHE A 156 16.26 -13.84 -15.06
C PHE A 156 17.60 -14.54 -15.13
N THR A 157 17.59 -15.80 -15.58
CA THR A 157 18.83 -16.57 -15.71
C THR A 157 19.68 -16.06 -16.87
N SER A 158 19.07 -15.98 -18.05
CA SER A 158 19.76 -15.50 -19.24
C SER A 158 20.46 -14.15 -19.00
N LYS A 159 19.75 -13.22 -18.34
CA LYS A 159 20.32 -11.91 -18.05
C LYS A 159 21.38 -12.00 -16.94
N ALA A 160 21.29 -13.04 -16.14
CA ALA A 160 22.26 -13.25 -15.07
C ALA A 160 23.55 -13.81 -15.67
N GLU A 161 23.40 -14.65 -16.70
CA GLU A 161 24.54 -15.26 -17.39
C GLU A 161 25.17 -14.27 -18.37
N SER A 162 25.21 -12.99 -17.98
CA SER A 162 25.79 -11.92 -18.78
C SER A 162 26.32 -10.82 -17.88
N MET A 163 26.22 -11.04 -16.56
CA MET A 163 26.69 -10.07 -15.59
C MET A 163 28.13 -10.46 -15.24
N ARG A 164 28.34 -10.99 -14.04
CA ARG A 164 29.65 -11.43 -13.59
C ARG A 164 29.53 -12.86 -13.08
N PRO A 165 30.64 -13.60 -13.02
CA PRO A 165 30.60 -14.99 -12.53
C PRO A 165 30.03 -15.12 -11.12
N GLU A 166 30.20 -14.09 -10.30
CA GLU A 166 29.67 -14.09 -8.93
C GLU A 166 28.16 -13.91 -9.04
N VAL A 167 27.76 -12.90 -9.82
CA VAL A 167 26.35 -12.58 -10.03
C VAL A 167 25.61 -13.81 -10.54
N ALA A 168 25.98 -14.28 -11.72
CA ALA A 168 25.33 -15.44 -12.31
C ALA A 168 25.27 -16.65 -11.38
N SER A 169 26.33 -16.86 -10.59
CA SER A 169 26.37 -17.99 -9.66
C SER A 169 25.52 -17.76 -8.43
N THR A 170 25.53 -16.53 -7.90
CA THR A 170 24.75 -16.19 -6.72
C THR A 170 23.26 -16.31 -7.04
N PHE A 171 22.85 -15.60 -8.09
CA PHE A 171 21.45 -15.61 -8.52
C PHE A 171 20.92 -17.02 -8.72
N LYS A 172 21.71 -17.87 -9.37
CA LYS A 172 21.28 -19.25 -9.62
C LYS A 172 20.97 -20.02 -8.35
N VAL A 173 21.81 -19.87 -7.34
CA VAL A 173 21.59 -20.56 -6.06
C VAL A 173 20.28 -20.07 -5.47
N LEU A 174 20.07 -18.75 -5.49
CA LEU A 174 18.85 -18.15 -4.96
C LEU A 174 17.67 -18.60 -5.82
N ARG A 175 17.83 -18.52 -7.13
CA ARG A 175 16.78 -18.93 -8.07
C ARG A 175 16.38 -20.38 -7.79
N ASN A 176 17.35 -21.20 -7.39
CA ASN A 176 17.09 -22.59 -7.07
C ASN A 176 16.26 -22.66 -5.79
N VAL A 177 16.73 -21.97 -4.76
CA VAL A 177 16.05 -21.94 -3.48
C VAL A 177 14.62 -21.37 -3.55
N THR A 178 14.41 -20.30 -4.33
CA THR A 178 13.10 -19.70 -4.42
C THR A 178 12.08 -20.51 -5.23
N VAL A 179 12.52 -21.07 -6.37
CA VAL A 179 11.60 -21.86 -7.20
C VAL A 179 11.13 -23.12 -6.48
N VAL A 180 11.96 -23.62 -5.58
CA VAL A 180 11.64 -24.83 -4.83
C VAL A 180 10.78 -24.52 -3.61
N LEU A 181 11.24 -23.58 -2.78
CA LEU A 181 10.49 -23.22 -1.58
C LEU A 181 9.14 -22.56 -1.90
N TRP A 182 9.13 -21.61 -2.83
CA TRP A 182 7.91 -20.93 -3.22
C TRP A 182 6.81 -21.83 -3.77
N SER A 183 7.18 -22.81 -4.59
CA SER A 183 6.20 -23.72 -5.18
C SER A 183 5.58 -24.70 -4.18
N ALA A 184 6.18 -24.82 -3.00
CA ALA A 184 5.67 -25.72 -1.97
C ALA A 184 4.43 -25.13 -1.28
N TYR A 185 4.38 -23.80 -1.21
CA TYR A 185 3.28 -23.10 -0.56
C TYR A 185 1.88 -23.51 -1.03
N PRO A 186 1.63 -23.52 -2.34
CA PRO A 186 0.31 -23.90 -2.84
C PRO A 186 -0.08 -25.33 -2.45
N VAL A 187 0.93 -26.18 -2.28
CA VAL A 187 0.71 -27.57 -1.91
C VAL A 187 0.34 -27.65 -0.41
N VAL A 188 1.04 -26.91 0.43
CA VAL A 188 0.75 -26.92 1.86
C VAL A 188 -0.63 -26.34 2.14
N TRP A 189 -0.98 -25.26 1.42
CA TRP A 189 -2.26 -24.58 1.57
C TRP A 189 -3.40 -25.52 1.14
N LEU A 190 -3.23 -26.14 -0.01
CA LEU A 190 -4.23 -27.05 -0.56
C LEU A 190 -4.55 -28.22 0.35
N ILE A 191 -3.51 -28.83 0.91
CA ILE A 191 -3.68 -29.98 1.80
C ILE A 191 -3.86 -29.59 3.26
N GLY A 192 -3.80 -28.28 3.53
CA GLY A 192 -3.93 -27.80 4.90
C GLY A 192 -5.32 -27.36 5.33
N SER A 193 -5.37 -26.82 6.54
CA SER A 193 -6.59 -26.34 7.18
C SER A 193 -7.33 -25.27 6.39
N GLU A 194 -6.71 -24.77 5.33
CA GLU A 194 -7.31 -23.71 4.51
C GLU A 194 -7.95 -24.23 3.22
N GLY A 195 -7.82 -25.53 2.98
CA GLY A 195 -8.40 -26.15 1.80
C GLY A 195 -9.02 -27.49 2.19
N ALA A 196 -8.40 -28.57 1.73
CA ALA A 196 -8.86 -29.91 2.05
C ALA A 196 -8.28 -30.27 3.43
N GLY A 197 -9.03 -31.01 4.24
CA GLY A 197 -8.56 -31.35 5.57
C GLY A 197 -7.51 -32.45 5.69
N ILE A 198 -6.80 -32.75 4.61
CA ILE A 198 -5.79 -33.81 4.61
C ILE A 198 -4.79 -33.68 5.76
N VAL A 199 -4.39 -32.46 6.07
CA VAL A 199 -3.43 -32.20 7.14
C VAL A 199 -3.98 -31.15 8.11
N PRO A 200 -3.84 -31.39 9.42
CA PRO A 200 -4.33 -30.48 10.48
C PRO A 200 -3.54 -29.17 10.54
N LEU A 201 -4.23 -28.11 10.99
CA LEU A 201 -3.62 -26.77 11.10
C LEU A 201 -2.26 -26.84 11.75
N ASN A 202 -2.15 -27.76 12.69
CA ASN A 202 -0.93 -28.00 13.46
C ASN A 202 0.29 -28.22 12.58
N ILE A 203 0.33 -29.35 11.88
CA ILE A 203 1.44 -29.69 11.01
C ILE A 203 1.65 -28.62 9.94
N GLU A 204 0.57 -28.00 9.49
CA GLU A 204 0.59 -26.95 8.46
C GLU A 204 1.38 -25.74 8.96
N THR A 205 1.10 -25.33 10.20
CA THR A 205 1.78 -24.21 10.84
C THR A 205 3.27 -24.52 10.92
N LEU A 206 3.58 -25.79 11.14
CA LEU A 206 4.96 -26.25 11.22
C LEU A 206 5.59 -26.19 9.82
N LEU A 207 4.85 -26.66 8.82
CA LEU A 207 5.34 -26.64 7.45
C LEU A 207 5.68 -25.20 7.01
N PHE A 208 4.71 -24.30 7.12
CA PHE A 208 4.91 -22.91 6.73
C PHE A 208 6.08 -22.28 7.49
N MET A 209 6.19 -22.61 8.77
CA MET A 209 7.26 -22.10 9.62
C MET A 209 8.67 -22.55 9.17
N VAL A 210 8.76 -23.71 8.54
CA VAL A 210 10.05 -24.21 8.05
C VAL A 210 10.38 -23.56 6.71
N LEU A 211 9.37 -23.41 5.86
CA LEU A 211 9.54 -22.80 4.56
C LEU A 211 9.79 -21.30 4.69
N ASP A 212 9.13 -20.67 5.67
CA ASP A 212 9.28 -19.24 5.90
C ASP A 212 10.69 -18.87 6.32
N VAL A 213 11.17 -19.54 7.36
CA VAL A 213 12.51 -19.31 7.92
C VAL A 213 13.59 -19.50 6.85
N SER A 214 13.51 -20.59 6.10
CA SER A 214 14.49 -20.83 5.04
C SER A 214 14.33 -19.85 3.87
N ALA A 215 13.10 -19.62 3.43
CA ALA A 215 12.83 -18.71 2.32
C ALA A 215 13.22 -17.26 2.62
N LYS A 216 13.49 -16.97 3.89
CA LYS A 216 13.87 -15.64 4.31
C LYS A 216 15.25 -15.62 4.93
N VAL A 217 15.38 -16.14 6.15
CA VAL A 217 16.66 -16.17 6.84
C VAL A 217 17.70 -16.99 6.06
N GLY A 218 17.25 -17.99 5.31
CA GLY A 218 18.15 -18.81 4.51
C GLY A 218 18.54 -18.08 3.24
N PHE A 219 17.53 -17.60 2.52
CA PHE A 219 17.70 -16.83 1.27
C PHE A 219 18.57 -15.63 1.60
N GLY A 220 18.31 -15.03 2.75
CA GLY A 220 19.06 -13.87 3.19
C GLY A 220 20.53 -14.15 3.38
N LEU A 221 20.85 -15.26 4.04
CA LEU A 221 22.24 -15.65 4.26
C LEU A 221 23.02 -15.89 2.97
N ILE A 222 22.48 -16.71 2.07
CA ILE A 222 23.14 -16.98 0.79
C ILE A 222 23.48 -15.66 0.12
N LEU A 223 22.53 -14.73 0.13
CA LEU A 223 22.73 -13.43 -0.49
C LEU A 223 23.76 -12.53 0.19
N LEU A 224 23.55 -12.26 1.48
CA LEU A 224 24.42 -11.37 2.25
C LEU A 224 25.85 -11.84 2.52
N ARG A 225 26.19 -13.02 2.02
CA ARG A 225 27.53 -13.60 2.18
C ARG A 225 28.35 -13.45 0.90
N SER A 226 27.66 -13.44 -0.24
CA SER A 226 28.29 -13.30 -1.55
C SER A 226 28.54 -11.84 -1.95
N ARG A 227 28.97 -11.63 -3.21
CA ARG A 227 29.24 -10.31 -3.77
C ARG A 227 27.94 -9.67 -4.31
N ALA A 228 27.35 -8.80 -3.50
CA ALA A 228 26.09 -8.15 -3.86
C ALA A 228 26.18 -6.81 -4.59
N ILE A 229 26.55 -6.87 -5.87
CA ILE A 229 26.65 -5.69 -6.75
C ILE A 229 27.49 -4.49 -6.29
N PHE A 230 28.52 -4.17 -7.07
CA PHE A 230 29.42 -3.05 -6.82
C PHE A 230 30.13 -3.04 -5.46
N GLY A 231 29.73 -3.95 -4.57
CA GLY A 231 30.33 -4.01 -3.25
C GLY A 231 29.93 -5.23 -2.46
N GLU A 232 30.39 -5.29 -1.20
CA GLU A 232 30.10 -6.41 -0.33
C GLU A 232 30.12 -5.99 1.14
N ALA B 2 -16.24 5.37 30.02
CA ALA B 2 -14.78 5.08 29.85
C ALA B 2 -14.27 5.77 28.59
N GLN B 3 -13.49 6.83 28.78
CA GLN B 3 -12.94 7.60 27.67
C GLN B 3 -14.09 8.02 26.77
N ILE B 4 -15.21 8.39 27.40
CA ILE B 4 -16.44 8.82 26.74
C ILE B 4 -16.08 9.66 25.52
N THR B 5 -16.13 9.02 24.36
CA THR B 5 -15.77 9.65 23.11
C THR B 5 -16.97 10.09 22.27
N GLY B 6 -16.75 10.16 20.96
CA GLY B 6 -17.78 10.54 20.02
C GLY B 6 -18.47 11.85 20.33
N ARG B 7 -17.91 12.64 21.26
CA ARG B 7 -18.55 13.90 21.59
C ARG B 7 -17.70 14.97 22.29
N PRO B 8 -16.88 14.59 23.28
CA PRO B 8 -16.09 15.62 23.96
C PRO B 8 -15.00 16.28 23.11
N GLU B 9 -14.18 15.42 22.51
CA GLU B 9 -13.06 15.83 21.70
C GLU B 9 -13.41 16.34 20.32
N TRP B 10 -14.70 16.51 20.04
CA TRP B 10 -15.16 16.99 18.74
C TRP B 10 -14.50 18.33 18.39
N ILE B 11 -14.40 19.23 19.36
CA ILE B 11 -13.79 20.54 19.12
C ILE B 11 -12.33 20.37 18.74
N TRP B 12 -11.64 19.44 19.38
CA TRP B 12 -10.25 19.21 19.04
C TRP B 12 -10.15 18.70 17.61
N LEU B 13 -10.96 17.67 17.32
CA LEU B 13 -10.99 17.04 16.00
C LEU B 13 -11.40 17.99 14.88
N ALA B 14 -12.36 18.87 15.19
CA ALA B 14 -12.86 19.87 14.24
C ALA B 14 -11.79 20.91 13.99
N LEU B 15 -11.07 21.26 15.05
CA LEU B 15 -10.00 22.24 14.98
C LEU B 15 -8.86 21.64 14.15
N GLY B 16 -8.56 20.37 14.41
CA GLY B 16 -7.50 19.69 13.68
C GLY B 16 -7.84 19.64 12.21
N THR B 17 -9.13 19.54 11.92
CA THR B 17 -9.60 19.48 10.55
C THR B 17 -9.48 20.84 9.88
N ALA B 18 -9.77 21.88 10.64
CA ALA B 18 -9.70 23.25 10.13
C ALA B 18 -8.26 23.62 9.79
N LEU B 19 -7.34 23.42 10.74
CA LEU B 19 -5.92 23.77 10.53
C LEU B 19 -5.32 23.01 9.35
N MET B 20 -5.48 21.69 9.37
CA MET B 20 -4.98 20.80 8.33
C MET B 20 -5.50 21.13 6.92
N GLY B 21 -6.73 21.66 6.88
CA GLY B 21 -7.38 22.02 5.63
C GLY B 21 -6.91 23.36 5.11
N LEU B 22 -6.76 24.32 6.03
CA LEU B 22 -6.28 25.64 5.65
C LEU B 22 -4.83 25.49 5.31
N GLY B 23 -4.12 24.69 6.12
CA GLY B 23 -2.71 24.44 5.90
C GLY B 23 -2.46 23.85 4.53
N THR B 24 -3.43 23.07 4.07
CA THR B 24 -3.35 22.42 2.76
C THR B 24 -3.68 23.42 1.66
N LEU B 25 -4.79 24.15 1.82
CA LEU B 25 -5.18 25.15 0.83
C LEU B 25 -4.04 26.15 0.72
N TYR B 26 -3.34 26.39 1.82
CA TYR B 26 -2.23 27.31 1.83
C TYR B 26 -1.12 26.79 0.93
N PHE B 27 -0.62 25.58 1.21
CA PHE B 27 0.45 24.98 0.41
C PHE B 27 0.06 24.69 -1.03
N LEU B 28 -1.24 24.82 -1.35
CA LEU B 28 -1.73 24.61 -2.70
C LEU B 28 -1.70 25.95 -3.44
N VAL B 29 -2.30 26.96 -2.82
CA VAL B 29 -2.34 28.30 -3.39
C VAL B 29 -1.01 29.04 -3.10
N LYS B 30 0.09 28.27 -3.06
CA LYS B 30 1.42 28.82 -2.83
C LYS B 30 2.40 28.10 -3.73
N GLY B 31 2.03 26.89 -4.14
CA GLY B 31 2.88 26.12 -5.04
C GLY B 31 2.60 26.50 -6.47
N MET B 32 1.61 27.36 -6.67
CA MET B 32 1.19 27.85 -7.97
C MET B 32 2.28 27.88 -9.03
N GLY B 33 3.25 28.79 -8.87
CA GLY B 33 4.34 28.89 -9.81
C GLY B 33 5.18 27.64 -9.80
N VAL B 34 6.38 27.75 -9.24
CA VAL B 34 7.31 26.63 -9.13
C VAL B 34 7.63 25.92 -10.45
N SER B 35 8.86 26.08 -10.91
CA SER B 35 9.30 25.46 -12.16
C SER B 35 10.29 24.35 -11.85
N ASP B 36 11.24 24.64 -10.97
CA ASP B 36 12.28 23.69 -10.59
C ASP B 36 11.72 22.34 -10.21
N PRO B 37 12.07 21.30 -10.99
CA PRO B 37 11.62 19.92 -10.78
C PRO B 37 12.00 19.37 -9.40
N ASP B 38 13.08 19.88 -8.83
CA ASP B 38 13.52 19.44 -7.51
C ASP B 38 12.59 20.01 -6.44
N ALA B 39 12.32 21.31 -6.52
CA ALA B 39 11.43 21.98 -5.57
C ALA B 39 9.98 21.50 -5.76
N LYS B 40 9.72 20.94 -6.93
CA LYS B 40 8.40 20.42 -7.26
C LYS B 40 8.12 19.20 -6.38
N LYS B 41 9.13 18.37 -6.13
CA LYS B 41 8.95 17.19 -5.29
C LYS B 41 8.52 17.64 -3.90
N PHE B 42 9.33 18.50 -3.28
CA PHE B 42 9.06 19.02 -1.93
C PHE B 42 7.66 19.61 -1.77
N TYR B 43 7.21 20.40 -2.74
CA TYR B 43 5.87 20.97 -2.65
C TYR B 43 4.82 19.86 -2.77
N ALA B 44 5.09 18.87 -3.61
CA ALA B 44 4.15 17.77 -3.78
C ALA B 44 4.05 16.97 -2.49
N ILE B 45 5.18 16.41 -2.05
CA ILE B 45 5.23 15.65 -0.82
C ILE B 45 4.58 16.39 0.35
N THR B 46 5.03 17.61 0.59
CA THR B 46 4.53 18.44 1.70
C THR B 46 3.07 18.95 1.60
N THR B 47 2.40 18.73 0.48
CA THR B 47 1.00 19.16 0.36
C THR B 47 0.06 17.97 0.59
N LEU B 48 0.53 16.78 0.26
CA LEU B 48 -0.26 15.57 0.44
C LEU B 48 -0.32 15.20 1.93
N VAL B 49 0.74 15.51 2.68
CA VAL B 49 0.76 15.19 4.10
C VAL B 49 -0.40 15.83 4.83
N PRO B 50 -0.58 17.16 4.73
CA PRO B 50 -1.69 17.81 5.41
C PRO B 50 -3.01 17.37 4.77
N ALA B 51 -2.99 17.17 3.44
CA ALA B 51 -4.19 16.78 2.71
C ALA B 51 -4.75 15.46 3.20
N ILE B 52 -3.88 14.46 3.28
CA ILE B 52 -4.26 13.13 3.76
C ILE B 52 -4.85 13.29 5.16
N ALA B 53 -4.18 14.10 5.99
CA ALA B 53 -4.60 14.38 7.36
C ALA B 53 -5.98 15.03 7.45
N PHE B 54 -6.28 15.90 6.49
CA PHE B 54 -7.59 16.55 6.46
C PHE B 54 -8.65 15.47 6.35
N THR B 55 -8.44 14.55 5.41
CA THR B 55 -9.34 13.43 5.18
C THR B 55 -9.57 12.66 6.49
N MET B 56 -8.47 12.22 7.10
CA MET B 56 -8.55 11.45 8.31
C MET B 56 -9.14 12.20 9.52
N TYR B 57 -8.84 13.48 9.68
CA TYR B 57 -9.43 14.23 10.80
C TYR B 57 -10.95 14.36 10.60
N LEU B 58 -11.40 14.48 9.36
CA LEU B 58 -12.82 14.58 9.08
C LEU B 58 -13.56 13.30 9.46
N SER B 59 -12.92 12.15 9.25
CA SER B 59 -13.55 10.89 9.56
C SER B 59 -13.79 10.77 11.05
N MET B 60 -12.78 11.15 11.83
CA MET B 60 -12.86 11.09 13.29
C MET B 60 -13.95 12.05 13.73
N LEU B 61 -13.93 13.27 13.20
CA LEU B 61 -14.95 14.24 13.56
C LEU B 61 -16.37 13.76 13.24
N LEU B 62 -16.53 13.12 12.08
CA LEU B 62 -17.84 12.64 11.65
C LEU B 62 -18.19 11.27 12.24
N GLY B 63 -17.26 10.71 13.00
CA GLY B 63 -17.52 9.43 13.63
C GLY B 63 -16.87 8.21 13.02
N TYR B 64 -16.93 8.09 11.70
CA TYR B 64 -16.38 6.95 10.98
C TYR B 64 -15.04 6.37 11.43
N GLY B 65 -14.08 7.24 11.72
CA GLY B 65 -12.77 6.78 12.15
C GLY B 65 -12.71 6.33 13.60
N LEU B 66 -13.86 6.24 14.25
CA LEU B 66 -13.94 5.82 15.65
C LEU B 66 -14.45 4.39 15.72
N THR B 67 -13.85 3.59 16.59
CA THR B 67 -14.29 2.22 16.76
C THR B 67 -14.08 1.81 18.22
N MET B 68 -14.82 0.80 18.67
CA MET B 68 -14.76 0.29 20.02
C MET B 68 -13.96 -1.00 20.11
N VAL B 69 -13.13 -1.11 21.13
CA VAL B 69 -12.31 -2.30 21.33
C VAL B 69 -12.50 -2.82 22.77
N PRO B 70 -12.54 -4.15 22.95
CA PRO B 70 -12.71 -4.64 24.31
C PRO B 70 -11.34 -4.85 24.99
N PHE B 71 -11.06 -4.11 26.05
CA PHE B 71 -9.82 -4.29 26.80
C PHE B 71 -9.89 -3.76 28.21
N GLY B 72 -8.95 -4.24 29.05
CA GLY B 72 -8.86 -3.82 30.43
C GLY B 72 -10.05 -4.04 31.35
N GLY B 73 -11.26 -3.79 30.84
CA GLY B 73 -12.44 -3.97 31.66
C GLY B 73 -13.73 -3.42 31.09
N GLU B 74 -13.63 -2.76 29.94
CA GLU B 74 -14.82 -2.19 29.31
C GLU B 74 -14.64 -1.89 27.83
N GLN B 75 -15.73 -1.44 27.20
CA GLN B 75 -15.72 -1.07 25.79
C GLN B 75 -14.89 0.21 25.63
N ASN B 76 -13.74 0.07 24.97
CA ASN B 76 -12.83 1.18 24.78
C ASN B 76 -12.81 1.82 23.39
N PRO B 77 -13.11 3.14 23.34
CA PRO B 77 -13.16 3.94 22.12
C PRO B 77 -11.76 4.07 21.54
N ILE B 78 -11.61 3.77 20.26
CA ILE B 78 -10.32 3.87 19.61
C ILE B 78 -10.50 4.59 18.28
N TYR B 79 -9.53 5.41 17.91
CA TYR B 79 -9.59 6.11 16.63
C TYR B 79 -8.51 5.43 15.81
N TRP B 80 -8.93 4.56 14.90
CA TRP B 80 -8.03 3.83 14.01
C TRP B 80 -7.63 4.75 12.86
N ALA B 81 -8.50 5.72 12.54
CA ALA B 81 -8.26 6.68 11.46
C ALA B 81 -6.91 7.42 11.52
N ARG B 82 -6.30 7.48 12.69
CA ARG B 82 -5.01 8.14 12.87
C ARG B 82 -3.93 7.27 12.25
N TYR B 83 -4.06 5.95 12.39
CA TYR B 83 -3.06 5.04 11.84
C TYR B 83 -3.22 4.94 10.34
N ALA B 84 -4.42 5.28 9.86
CA ALA B 84 -4.71 5.27 8.43
C ALA B 84 -3.96 6.45 7.89
N ASP B 85 -3.98 7.54 8.65
CA ASP B 85 -3.29 8.77 8.31
C ASP B 85 -1.80 8.47 8.35
N TRP B 86 -1.28 8.37 9.57
CA TRP B 86 0.16 8.11 9.80
C TRP B 86 0.81 7.05 8.91
N LEU B 87 0.04 6.05 8.49
CA LEU B 87 0.59 4.98 7.67
C LEU B 87 1.28 5.48 6.41
N PHE B 88 0.71 6.54 5.85
CA PHE B 88 1.22 7.14 4.63
C PHE B 88 1.95 8.42 4.92
N THR B 89 1.35 9.24 5.78
CA THR B 89 1.91 10.53 6.15
C THR B 89 3.35 10.56 6.64
N THR B 90 3.69 9.69 7.60
CA THR B 90 5.05 9.67 8.13
C THR B 90 6.11 9.35 7.08
N PRO B 91 5.88 8.36 6.20
CA PRO B 91 6.88 8.05 5.18
C PRO B 91 7.12 9.26 4.25
N LEU B 92 6.08 10.05 3.98
CA LEU B 92 6.24 11.22 3.14
C LEU B 92 7.10 12.26 3.86
N LEU B 93 6.89 12.38 5.16
CA LEU B 93 7.67 13.32 5.94
C LEU B 93 9.13 12.90 5.87
N LEU B 94 9.37 11.59 5.92
CA LEU B 94 10.72 11.05 5.83
C LEU B 94 11.30 11.28 4.45
N LEU B 95 10.48 11.12 3.41
CA LEU B 95 10.94 11.33 2.06
C LEU B 95 11.45 12.77 1.87
N ASP B 96 10.78 13.74 2.50
CA ASP B 96 11.20 15.13 2.38
C ASP B 96 12.64 15.26 2.85
N LEU B 97 12.91 14.77 4.05
CA LEU B 97 14.25 14.82 4.64
C LEU B 97 15.24 14.00 3.82
N ALA B 98 14.78 12.89 3.26
CA ALA B 98 15.67 12.04 2.46
C ALA B 98 16.08 12.83 1.22
N LEU B 99 15.10 13.43 0.56
CA LEU B 99 15.33 14.22 -0.65
C LEU B 99 16.12 15.49 -0.37
N LEU B 100 16.04 15.99 0.86
CA LEU B 100 16.76 17.20 1.24
C LEU B 100 18.24 16.96 1.50
N VAL B 101 18.56 15.76 2.00
CA VAL B 101 19.94 15.39 2.30
C VAL B 101 20.48 14.48 1.19
N ASP B 102 19.67 14.26 0.16
CA ASP B 102 20.03 13.40 -0.97
C ASP B 102 20.56 12.04 -0.49
N ALA B 103 19.79 11.41 0.38
CA ALA B 103 20.13 10.11 0.97
C ALA B 103 20.12 8.98 -0.05
N ASP B 104 20.91 7.94 0.23
CA ASP B 104 20.99 6.76 -0.64
C ASP B 104 19.66 5.99 -0.63
N GLN B 105 19.31 5.43 -1.78
CA GLN B 105 18.09 4.64 -1.92
C GLN B 105 18.03 3.49 -0.91
N GLY B 106 19.19 3.12 -0.38
CA GLY B 106 19.25 2.05 0.60
C GLY B 106 18.62 2.49 1.90
N THR B 107 19.07 3.63 2.41
CA THR B 107 18.56 4.17 3.67
C THR B 107 17.10 4.63 3.57
N ILE B 108 16.70 5.13 2.41
CA ILE B 108 15.33 5.58 2.20
C ILE B 108 14.36 4.41 2.38
N LEU B 109 14.70 3.28 1.78
CA LEU B 109 13.86 2.09 1.88
C LEU B 109 13.88 1.61 3.33
N ALA B 110 15.07 1.39 3.88
CA ALA B 110 15.23 0.95 5.26
C ALA B 110 14.48 1.86 6.23
N LEU B 111 14.26 3.10 5.80
CA LEU B 111 13.59 4.10 6.60
C LEU B 111 12.07 4.00 6.48
N VAL B 112 11.60 3.94 5.23
CA VAL B 112 10.16 3.83 4.96
C VAL B 112 9.60 2.51 5.46
N GLY B 113 10.33 1.43 5.20
CA GLY B 113 9.90 0.11 5.67
C GLY B 113 9.83 0.08 7.19
N ALA B 114 10.82 0.67 7.86
CA ALA B 114 10.83 0.71 9.32
C ALA B 114 9.62 1.53 9.79
N ASP B 115 9.34 2.60 9.07
CA ASP B 115 8.22 3.47 9.38
C ASP B 115 6.94 2.64 9.28
N GLY B 116 6.88 1.79 8.26
CA GLY B 116 5.73 0.93 8.08
C GLY B 116 5.50 0.09 9.34
N ILE B 117 6.57 -0.54 9.84
CA ILE B 117 6.44 -1.37 11.05
C ILE B 117 6.01 -0.54 12.27
N MET B 118 6.57 0.66 12.41
CA MET B 118 6.22 1.51 13.54
C MET B 118 4.71 1.78 13.61
N ILE B 119 4.11 2.24 12.51
CA ILE B 119 2.68 2.52 12.50
C ILE B 119 1.88 1.24 12.55
N GLY B 120 2.26 0.28 11.69
CA GLY B 120 1.59 -1.00 11.63
C GLY B 120 1.49 -1.64 13.01
N THR B 121 2.64 -1.78 13.65
CA THR B 121 2.72 -2.36 14.99
C THR B 121 1.85 -1.55 15.96
N GLY B 122 1.84 -0.23 15.80
CA GLY B 122 1.03 0.61 16.66
C GLY B 122 -0.44 0.26 16.47
N LEU B 123 -0.88 0.15 15.21
CA LEU B 123 -2.27 -0.18 14.92
C LEU B 123 -2.68 -1.48 15.61
N VAL B 124 -1.79 -2.46 15.56
CA VAL B 124 -2.01 -3.76 16.18
C VAL B 124 -2.26 -3.56 17.67
N GLY B 125 -1.28 -2.94 18.35
CA GLY B 125 -1.39 -2.69 19.77
C GLY B 125 -2.64 -1.90 20.13
N ALA B 126 -3.01 -0.92 19.29
CA ALA B 126 -4.19 -0.09 19.55
C ALA B 126 -5.48 -0.87 19.49
N LEU B 127 -5.48 -1.96 18.72
CA LEU B 127 -6.67 -2.80 18.59
C LEU B 127 -6.56 -4.13 19.34
N THR B 128 -5.39 -4.42 19.93
CA THR B 128 -5.24 -5.68 20.65
C THR B 128 -6.19 -5.69 21.84
N LYS B 129 -6.93 -6.79 21.98
CA LYS B 129 -7.92 -6.98 23.04
C LYS B 129 -7.28 -7.31 24.39
N VAL B 130 -6.19 -8.07 24.36
CA VAL B 130 -5.46 -8.46 25.57
C VAL B 130 -4.59 -7.29 26.04
N TYR B 131 -5.05 -6.65 27.11
CA TYR B 131 -4.39 -5.49 27.70
C TYR B 131 -2.88 -5.53 27.83
N SER B 132 -2.36 -6.55 28.49
CA SER B 132 -0.93 -6.70 28.69
C SER B 132 -0.13 -6.61 27.38
N TYR B 133 -0.64 -7.28 26.34
CA TYR B 133 0.02 -7.31 25.03
C TYR B 133 0.18 -5.97 24.34
N ARG B 134 -0.78 -5.05 24.56
CA ARG B 134 -0.73 -3.74 23.91
C ARG B 134 0.64 -3.08 24.11
N PHE B 135 1.23 -3.32 25.28
CA PHE B 135 2.53 -2.76 25.62
C PHE B 135 3.68 -3.52 25.00
N VAL B 136 3.39 -4.72 24.49
CA VAL B 136 4.43 -5.50 23.83
C VAL B 136 4.58 -4.87 22.45
N TRP B 137 3.45 -4.48 21.86
CA TRP B 137 3.44 -3.83 20.56
C TRP B 137 4.02 -2.42 20.67
N TRP B 138 3.68 -1.73 21.75
CA TRP B 138 4.18 -0.37 22.00
C TRP B 138 5.71 -0.36 22.04
N ALA B 139 6.28 -1.29 22.80
CA ALA B 139 7.73 -1.40 22.91
C ALA B 139 8.35 -1.60 21.53
N ILE B 140 7.75 -2.49 20.75
CA ILE B 140 8.22 -2.79 19.39
C ILE B 140 8.10 -1.57 18.45
N SER B 141 7.00 -0.84 18.60
CA SER B 141 6.76 0.37 17.80
C SER B 141 7.78 1.43 18.18
N THR B 142 8.03 1.59 19.48
CA THR B 142 8.99 2.56 19.96
C THR B 142 10.40 2.23 19.44
N ALA B 143 10.76 0.96 19.47
CA ALA B 143 12.08 0.56 18.99
C ALA B 143 12.23 0.96 17.52
N ALA B 144 11.14 0.84 16.77
CA ALA B 144 11.11 1.19 15.35
C ALA B 144 11.31 2.70 15.16
N MET B 145 10.68 3.49 16.01
CA MET B 145 10.84 4.95 15.93
C MET B 145 12.26 5.36 16.33
N LEU B 146 12.76 4.77 17.41
CA LEU B 146 14.12 5.06 17.90
C LEU B 146 15.17 4.80 16.81
N TYR B 147 14.95 3.74 16.01
CA TYR B 147 15.85 3.42 14.92
C TYR B 147 15.77 4.54 13.86
N ILE B 148 14.55 4.92 13.48
CA ILE B 148 14.34 5.99 12.50
C ILE B 148 14.99 7.28 12.98
N LEU B 149 14.71 7.66 14.22
CA LEU B 149 15.27 8.89 14.79
C LEU B 149 16.80 8.86 14.87
N TYR B 150 17.37 7.68 15.01
CA TYR B 150 18.81 7.50 15.07
C TYR B 150 19.46 7.87 13.73
N VAL B 151 18.99 7.27 12.64
CA VAL B 151 19.55 7.56 11.32
C VAL B 151 19.30 9.01 10.90
N LEU B 152 18.21 9.61 11.40
CA LEU B 152 17.91 11.00 11.08
C LEU B 152 18.89 11.93 11.80
N PHE B 153 19.16 11.63 13.07
CA PHE B 153 20.06 12.41 13.90
C PHE B 153 21.52 12.06 13.59
N PHE B 154 21.99 10.94 14.14
CA PHE B 154 23.36 10.49 13.96
C PHE B 154 23.71 9.92 12.57
N GLY B 155 22.91 10.24 11.55
CA GLY B 155 23.18 9.73 10.22
C GLY B 155 22.94 10.72 9.09
N PHE B 156 21.81 11.42 9.14
CA PHE B 156 21.45 12.41 8.13
C PHE B 156 22.10 13.77 8.39
N THR B 157 22.64 13.97 9.59
CA THR B 157 23.29 15.24 9.92
C THR B 157 24.63 15.32 9.19
N SER B 158 25.46 14.29 9.38
CA SER B 158 26.78 14.24 8.76
C SER B 158 26.70 14.46 7.25
N LYS B 159 25.71 13.82 6.62
CA LYS B 159 25.54 13.96 5.18
C LYS B 159 24.96 15.33 4.82
N ALA B 160 24.32 15.98 5.80
CA ALA B 160 23.75 17.30 5.60
C ALA B 160 24.83 18.37 5.73
N GLU B 161 25.75 18.14 6.66
CA GLU B 161 26.88 19.04 6.93
C GLU B 161 27.94 18.92 5.84
N SER B 162 27.52 18.49 4.65
CA SER B 162 28.42 18.33 3.51
C SER B 162 27.74 18.82 2.24
N MET B 163 26.52 19.33 2.40
CA MET B 163 25.75 19.86 1.29
C MET B 163 26.07 21.34 1.20
N ARG B 164 25.03 22.16 1.22
CA ARG B 164 25.18 23.62 1.18
C ARG B 164 24.82 24.14 2.55
N PRO B 165 25.33 25.32 2.92
CA PRO B 165 25.04 25.90 4.23
C PRO B 165 23.53 26.03 4.50
N GLU B 166 22.76 26.29 3.44
CA GLU B 166 21.31 26.42 3.55
C GLU B 166 20.70 25.06 3.89
N VAL B 167 21.13 24.04 3.15
CA VAL B 167 20.65 22.68 3.35
C VAL B 167 20.95 22.18 4.75
N ALA B 168 22.22 22.24 5.15
CA ALA B 168 22.64 21.80 6.47
C ALA B 168 21.91 22.56 7.57
N SER B 169 21.57 23.82 7.31
CA SER B 169 20.86 24.61 8.31
C SER B 169 19.38 24.31 8.32
N THR B 170 18.80 24.06 7.15
CA THR B 170 17.38 23.76 7.06
C THR B 170 17.10 22.37 7.61
N PHE B 171 17.89 21.38 7.19
CA PHE B 171 17.72 20.00 7.66
C PHE B 171 17.74 19.91 9.18
N LYS B 172 18.68 20.65 9.78
CA LYS B 172 18.86 20.68 11.23
C LYS B 172 17.66 21.22 11.99
N VAL B 173 17.06 22.30 11.51
CA VAL B 173 15.89 22.83 12.20
C VAL B 173 14.80 21.76 12.17
N LEU B 174 14.58 21.20 10.97
CA LEU B 174 13.59 20.15 10.78
C LEU B 174 13.94 18.95 11.66
N ARG B 175 15.18 18.47 11.55
CA ARG B 175 15.66 17.35 12.35
C ARG B 175 15.33 17.56 13.83
N ASN B 176 15.49 18.80 14.30
CA ASN B 176 15.17 19.10 15.69
C ASN B 176 13.65 18.99 15.89
N VAL B 177 12.87 19.62 15.02
CA VAL B 177 11.42 19.59 15.16
C VAL B 177 10.82 18.17 15.08
N THR B 178 11.44 17.30 14.29
CA THR B 178 10.95 15.93 14.14
C THR B 178 11.40 14.95 15.22
N VAL B 179 12.59 15.13 15.76
CA VAL B 179 13.05 14.22 16.82
C VAL B 179 12.28 14.51 18.08
N VAL B 180 11.87 15.75 18.23
CA VAL B 180 11.11 16.18 19.40
C VAL B 180 9.65 15.84 19.29
N LEU B 181 9.00 16.24 18.19
CA LEU B 181 7.58 15.98 17.99
C LEU B 181 7.22 14.49 17.88
N TRP B 182 8.04 13.72 17.18
CA TRP B 182 7.81 12.28 17.00
C TRP B 182 8.00 11.47 18.27
N SER B 183 8.98 11.87 19.09
CA SER B 183 9.25 11.14 20.32
C SER B 183 8.14 11.28 21.36
N ALA B 184 7.35 12.34 21.26
CA ALA B 184 6.24 12.57 22.20
C ALA B 184 5.08 11.61 21.95
N TYR B 185 4.92 11.15 20.71
CA TYR B 185 3.84 10.22 20.36
C TYR B 185 3.78 8.96 21.24
N PRO B 186 4.90 8.27 21.48
CA PRO B 186 4.86 7.07 22.33
C PRO B 186 4.46 7.41 23.76
N VAL B 187 4.77 8.63 24.18
CA VAL B 187 4.45 9.07 25.52
C VAL B 187 2.96 9.34 25.67
N VAL B 188 2.36 10.04 24.71
CA VAL B 188 0.94 10.35 24.77
C VAL B 188 0.11 9.06 24.68
N TRP B 189 0.50 8.19 23.74
CA TRP B 189 -0.17 6.90 23.51
C TRP B 189 -0.20 6.13 24.82
N LEU B 190 0.96 6.06 25.47
CA LEU B 190 1.13 5.34 26.73
C LEU B 190 0.32 5.88 27.92
N ILE B 191 0.16 7.19 28.01
CA ILE B 191 -0.58 7.72 29.16
C ILE B 191 -2.04 7.97 28.80
N GLY B 192 -2.40 7.67 27.57
CA GLY B 192 -3.75 7.95 27.11
C GLY B 192 -4.70 6.79 27.05
N SER B 193 -5.86 7.05 26.46
CA SER B 193 -6.93 6.06 26.34
C SER B 193 -6.47 4.73 25.70
N GLU B 194 -5.35 4.75 25.02
CA GLU B 194 -4.87 3.55 24.35
C GLU B 194 -3.84 2.70 25.08
N GLY B 195 -3.62 3.00 26.37
CA GLY B 195 -2.66 2.24 27.18
C GLY B 195 -3.08 2.27 28.64
N ALA B 196 -2.39 3.09 29.44
CA ALA B 196 -2.77 3.28 30.85
C ALA B 196 -3.81 4.40 30.78
N GLY B 197 -4.67 4.52 31.80
CA GLY B 197 -5.68 5.56 31.72
C GLY B 197 -5.35 6.82 32.47
N ILE B 198 -4.06 7.13 32.58
CA ILE B 198 -3.59 8.32 33.31
C ILE B 198 -4.29 9.58 32.81
N VAL B 199 -4.43 9.68 31.50
CA VAL B 199 -5.06 10.83 30.84
C VAL B 199 -6.21 10.36 29.94
N PRO B 200 -7.35 11.05 30.01
CA PRO B 200 -8.56 10.76 29.24
C PRO B 200 -8.44 10.94 27.73
N LEU B 201 -9.23 10.21 26.96
CA LEU B 201 -9.20 10.30 25.51
C LEU B 201 -9.24 11.77 25.09
N ASN B 202 -10.01 12.56 25.84
CA ASN B 202 -10.16 13.99 25.60
C ASN B 202 -8.78 14.65 25.41
N ILE B 203 -7.92 14.56 26.43
CA ILE B 203 -6.57 15.13 26.37
C ILE B 203 -5.66 14.35 25.38
N GLU B 204 -5.95 13.08 25.18
CA GLU B 204 -5.17 12.28 24.24
C GLU B 204 -5.49 12.71 22.81
N THR B 205 -6.65 13.33 22.61
CA THR B 205 -7.06 13.79 21.29
C THR B 205 -6.43 15.17 21.07
N LEU B 206 -6.48 15.99 22.12
CA LEU B 206 -5.92 17.34 22.08
C LEU B 206 -4.39 17.33 21.88
N LEU B 207 -3.68 16.50 22.64
CA LEU B 207 -2.23 16.41 22.50
C LEU B 207 -1.81 15.97 21.07
N PHE B 208 -2.51 14.96 20.55
CA PHE B 208 -2.25 14.47 19.20
C PHE B 208 -2.58 15.54 18.16
N MET B 209 -3.62 16.32 18.40
CA MET B 209 -4.04 17.35 17.46
C MET B 209 -3.08 18.52 17.34
N VAL B 210 -2.32 18.76 18.41
CA VAL B 210 -1.33 19.83 18.48
C VAL B 210 -0.01 19.29 17.94
N LEU B 211 0.33 18.06 18.29
CA LEU B 211 1.57 17.47 17.77
C LEU B 211 1.41 17.26 16.25
N ASP B 212 0.19 16.91 15.82
CA ASP B 212 -0.09 16.69 14.41
C ASP B 212 0.08 18.00 13.61
N VAL B 213 -0.78 18.98 13.86
CA VAL B 213 -0.69 20.27 13.17
C VAL B 213 0.75 20.77 13.08
N SER B 214 1.47 20.77 14.19
CA SER B 214 2.85 21.23 14.18
C SER B 214 3.87 20.30 13.49
N ALA B 215 3.62 18.99 13.49
CA ALA B 215 4.54 18.07 12.84
C ALA B 215 4.26 18.07 11.34
N LYS B 216 3.16 18.70 10.94
CA LYS B 216 2.77 18.78 9.53
C LYS B 216 2.76 20.20 9.00
N VAL B 217 1.68 20.94 9.23
CA VAL B 217 1.60 22.32 8.77
C VAL B 217 2.89 23.05 9.22
N GLY B 218 3.28 22.81 10.47
CA GLY B 218 4.50 23.41 10.98
C GLY B 218 5.74 23.00 10.21
N PHE B 219 6.03 21.69 10.22
CA PHE B 219 7.19 21.14 9.52
C PHE B 219 7.21 21.62 8.06
N GLY B 220 6.02 21.68 7.45
CA GLY B 220 5.90 22.13 6.08
C GLY B 220 6.31 23.58 5.93
N LEU B 221 5.98 24.41 6.91
CA LEU B 221 6.33 25.82 6.84
C LEU B 221 7.82 26.06 6.91
N ILE B 222 8.51 25.33 7.76
CA ILE B 222 9.96 25.46 7.88
C ILE B 222 10.61 25.11 6.56
N LEU B 223 10.17 24.00 5.97
CA LEU B 223 10.67 23.51 4.69
C LEU B 223 10.37 24.35 3.44
N LEU B 224 9.09 24.59 3.16
CA LEU B 224 8.68 25.33 1.97
C LEU B 224 9.03 26.82 1.93
N ARG B 225 9.48 27.37 3.05
CA ARG B 225 9.84 28.78 3.11
C ARG B 225 11.34 29.01 2.97
N SER B 226 12.11 27.93 2.91
CA SER B 226 13.56 28.03 2.78
C SER B 226 14.03 27.70 1.36
N ARG B 227 15.33 27.52 1.19
CA ARG B 227 15.90 27.16 -0.11
C ARG B 227 15.95 25.62 -0.20
N ALA B 228 14.90 25.04 -0.76
CA ALA B 228 14.75 23.59 -0.89
C ALA B 228 15.68 22.96 -1.93
N ILE B 229 16.96 22.86 -1.56
CA ILE B 229 18.03 22.30 -2.42
C ILE B 229 17.98 22.69 -3.92
N PHE B 230 18.92 23.53 -4.33
CA PHE B 230 19.03 24.02 -5.71
C PHE B 230 17.66 24.37 -6.31
N GLY B 231 16.73 24.74 -5.44
CA GLY B 231 15.39 25.08 -5.88
C GLY B 231 14.68 25.90 -4.84
N GLU B 232 13.73 26.72 -5.29
CA GLU B 232 12.95 27.57 -4.41
C GLU B 232 11.83 28.24 -5.20
N ALA C 2 -34.76 0.76 -2.19
CA ALA C 2 -33.44 0.14 -2.43
C ALA C 2 -33.54 -1.35 -2.10
N GLN C 3 -32.81 -1.78 -1.07
CA GLN C 3 -32.78 -3.16 -0.56
C GLN C 3 -31.74 -4.15 -1.09
N ILE C 4 -31.64 -5.29 -0.37
CA ILE C 4 -30.71 -6.39 -0.62
C ILE C 4 -30.48 -6.83 -2.07
N THR C 5 -29.24 -7.24 -2.35
CA THR C 5 -28.85 -7.69 -3.68
C THR C 5 -27.92 -8.90 -3.62
N GLY C 6 -27.29 -9.19 -4.76
CA GLY C 6 -26.37 -10.30 -4.89
C GLY C 6 -26.77 -11.25 -6.01
N ARG C 7 -27.72 -10.84 -6.87
CA ARG C 7 -28.16 -11.72 -7.95
C ARG C 7 -28.68 -11.14 -9.29
N PRO C 8 -29.38 -10.00 -9.28
CA PRO C 8 -29.85 -9.48 -10.58
C PRO C 8 -28.69 -9.10 -11.52
N GLU C 9 -27.81 -8.23 -11.03
CA GLU C 9 -26.66 -7.76 -11.77
C GLU C 9 -25.56 -8.82 -11.94
N TRP C 10 -25.91 -10.09 -11.75
CA TRP C 10 -24.95 -11.19 -11.87
C TRP C 10 -24.35 -11.22 -13.27
N ILE C 11 -25.18 -10.93 -14.28
CA ILE C 11 -24.74 -10.93 -15.67
C ILE C 11 -23.73 -9.82 -15.95
N TRP C 12 -24.05 -8.60 -15.53
CA TRP C 12 -23.16 -7.48 -15.73
C TRP C 12 -21.78 -7.80 -15.12
N LEU C 13 -21.77 -8.33 -13.91
CA LEU C 13 -20.51 -8.70 -13.23
C LEU C 13 -19.82 -9.86 -13.95
N ALA C 14 -20.64 -10.79 -14.47
CA ALA C 14 -20.12 -11.94 -15.20
C ALA C 14 -19.48 -11.43 -16.49
N LEU C 15 -20.23 -10.62 -17.24
CA LEU C 15 -19.75 -10.06 -18.49
C LEU C 15 -18.51 -9.21 -18.24
N GLY C 16 -18.54 -8.49 -17.11
CA GLY C 16 -17.42 -7.65 -16.71
C GLY C 16 -16.24 -8.54 -16.38
N THR C 17 -16.49 -9.64 -15.69
CA THR C 17 -15.39 -10.54 -15.37
C THR C 17 -14.83 -11.03 -16.68
N ALA C 18 -15.73 -11.37 -17.58
CA ALA C 18 -15.42 -11.91 -18.89
C ALA C 18 -14.45 -11.05 -19.71
N LEU C 19 -14.93 -9.88 -20.13
CA LEU C 19 -14.15 -8.95 -20.95
C LEU C 19 -12.79 -8.64 -20.33
N MET C 20 -12.77 -8.42 -19.02
CA MET C 20 -11.57 -8.08 -18.30
C MET C 20 -10.51 -9.16 -18.37
N GLY C 21 -10.97 -10.41 -18.27
CA GLY C 21 -10.07 -11.55 -18.31
C GLY C 21 -9.50 -11.74 -19.69
N LEU C 22 -10.37 -11.65 -20.69
CA LEU C 22 -9.93 -11.81 -22.06
C LEU C 22 -8.95 -10.70 -22.42
N GLY C 23 -9.34 -9.46 -22.10
CA GLY C 23 -8.49 -8.32 -22.37
C GLY C 23 -7.10 -8.48 -21.80
N THR C 24 -6.99 -9.17 -20.67
CA THR C 24 -5.70 -9.40 -20.03
C THR C 24 -4.89 -10.45 -20.77
N LEU C 25 -5.53 -11.59 -21.07
CA LEU C 25 -4.87 -12.66 -21.80
C LEU C 25 -4.42 -12.11 -23.14
N TYR C 26 -5.24 -11.21 -23.70
CA TYR C 26 -4.93 -10.57 -24.97
C TYR C 26 -3.68 -9.71 -24.86
N PHE C 27 -3.58 -8.91 -23.79
CA PHE C 27 -2.45 -8.03 -23.55
C PHE C 27 -1.22 -8.82 -23.14
N LEU C 28 -1.44 -10.03 -22.65
CA LEU C 28 -0.34 -10.92 -22.23
C LEU C 28 0.25 -11.63 -23.45
N VAL C 29 -0.63 -12.28 -24.22
CA VAL C 29 -0.25 -13.00 -25.41
C VAL C 29 -0.06 -12.01 -26.57
N LYS C 30 0.39 -10.81 -26.24
CA LYS C 30 0.65 -9.76 -27.23
C LYS C 30 1.94 -9.07 -26.84
N GLY C 31 2.28 -9.14 -25.56
CA GLY C 31 3.52 -8.55 -25.11
C GLY C 31 4.61 -9.59 -25.16
N MET C 32 4.35 -10.68 -25.89
CA MET C 32 5.29 -11.78 -26.03
C MET C 32 6.71 -11.32 -26.34
N GLY C 33 6.93 -10.77 -27.53
CA GLY C 33 8.25 -10.28 -27.89
C GLY C 33 8.66 -9.09 -27.03
N VAL C 34 8.49 -7.89 -27.58
CA VAL C 34 8.82 -6.63 -26.89
C VAL C 34 10.17 -6.66 -26.17
N SER C 35 11.14 -5.95 -26.74
CA SER C 35 12.49 -5.89 -26.18
C SER C 35 12.79 -4.53 -25.54
N ASP C 36 12.26 -3.47 -26.14
CA ASP C 36 12.47 -2.10 -25.68
C ASP C 36 11.97 -1.89 -24.25
N PRO C 37 12.90 -1.56 -23.33
CA PRO C 37 12.60 -1.32 -21.91
C PRO C 37 11.57 -0.22 -21.68
N ASP C 38 11.55 0.79 -22.55
CA ASP C 38 10.63 1.90 -22.44
C ASP C 38 9.18 1.46 -22.68
N ALA C 39 8.98 0.65 -23.72
CA ALA C 39 7.65 0.13 -24.05
C ALA C 39 7.32 -1.00 -23.08
N LYS C 40 8.36 -1.61 -22.51
CA LYS C 40 8.19 -2.71 -21.56
C LYS C 40 7.31 -2.23 -20.39
N LYS C 41 7.66 -1.06 -19.85
CA LYS C 41 6.90 -0.48 -18.74
C LYS C 41 5.43 -0.41 -19.11
N PHE C 42 5.13 0.21 -20.25
CA PHE C 42 3.77 0.37 -20.74
C PHE C 42 2.96 -0.93 -20.84
N TYR C 43 3.61 -2.02 -21.26
CA TYR C 43 2.92 -3.29 -21.35
C TYR C 43 2.66 -3.79 -19.93
N ALA C 44 3.70 -3.76 -19.10
CA ALA C 44 3.59 -4.20 -17.70
C ALA C 44 2.52 -3.47 -16.88
N ILE C 45 2.37 -2.17 -17.11
CA ILE C 45 1.37 -1.37 -16.42
C ILE C 45 -0.02 -1.67 -16.96
N THR C 46 -0.14 -1.58 -18.28
CA THR C 46 -1.41 -1.78 -18.98
C THR C 46 -1.99 -3.19 -18.92
N THR C 47 -1.17 -4.15 -18.52
CA THR C 47 -1.63 -5.54 -18.40
C THR C 47 -2.24 -5.78 -17.03
N LEU C 48 -1.56 -5.28 -16.00
CA LEU C 48 -2.02 -5.43 -14.63
C LEU C 48 -3.34 -4.75 -14.34
N VAL C 49 -3.64 -3.66 -15.02
CA VAL C 49 -4.89 -2.95 -14.77
C VAL C 49 -6.08 -3.88 -14.94
N PRO C 50 -6.19 -4.56 -16.10
CA PRO C 50 -7.30 -5.50 -16.31
C PRO C 50 -7.16 -6.74 -15.43
N ALA C 51 -5.93 -7.19 -15.19
CA ALA C 51 -5.71 -8.37 -14.36
C ALA C 51 -6.25 -8.14 -12.94
N ILE C 52 -5.96 -6.98 -12.37
CA ILE C 52 -6.44 -6.58 -11.04
C ILE C 52 -7.97 -6.51 -11.10
N ALA C 53 -8.47 -5.87 -12.15
CA ALA C 53 -9.91 -5.73 -12.34
C ALA C 53 -10.61 -7.08 -12.49
N PHE C 54 -9.94 -8.05 -13.10
CA PHE C 54 -10.54 -9.38 -13.27
C PHE C 54 -10.78 -9.98 -11.89
N THR C 55 -9.78 -9.90 -11.03
CA THR C 55 -9.85 -10.41 -9.67
C THR C 55 -10.99 -9.73 -8.91
N MET C 56 -11.07 -8.41 -8.98
CA MET C 56 -12.13 -7.68 -8.28
C MET C 56 -13.52 -7.82 -8.88
N TYR C 57 -13.60 -8.19 -10.15
CA TYR C 57 -14.88 -8.39 -10.81
C TYR C 57 -15.43 -9.76 -10.43
N LEU C 58 -14.55 -10.75 -10.42
CA LEU C 58 -14.90 -12.11 -10.05
C LEU C 58 -15.44 -12.16 -8.62
N SER C 59 -14.78 -11.47 -7.69
CA SER C 59 -15.21 -11.47 -6.29
C SER C 59 -16.61 -10.91 -6.16
N MET C 60 -16.92 -9.85 -6.89
CA MET C 60 -18.27 -9.28 -6.84
C MET C 60 -19.25 -10.30 -7.44
N LEU C 61 -18.76 -11.10 -8.38
CA LEU C 61 -19.60 -12.14 -8.98
C LEU C 61 -19.83 -13.25 -7.96
N LEU C 62 -18.78 -13.67 -7.27
CA LEU C 62 -18.92 -14.75 -6.29
C LEU C 62 -19.45 -14.32 -4.93
N GLY C 63 -20.01 -13.11 -4.86
CA GLY C 63 -20.58 -12.61 -3.60
C GLY C 63 -19.65 -11.98 -2.57
N TYR C 64 -18.40 -12.44 -2.52
CA TYR C 64 -17.40 -11.94 -1.56
C TYR C 64 -17.28 -10.42 -1.47
N GLY C 65 -17.15 -9.76 -2.62
CA GLY C 65 -17.01 -8.31 -2.68
C GLY C 65 -18.28 -7.50 -2.45
N LEU C 66 -19.32 -8.15 -1.94
CA LEU C 66 -20.58 -7.47 -1.67
C LEU C 66 -20.69 -7.34 -0.15
N THR C 67 -21.28 -6.24 0.31
CA THR C 67 -21.50 -6.07 1.73
C THR C 67 -22.75 -5.24 1.99
N MET C 68 -23.18 -5.24 3.23
CA MET C 68 -24.38 -4.50 3.63
C MET C 68 -23.96 -3.36 4.53
N VAL C 69 -24.48 -2.18 4.22
CA VAL C 69 -24.17 -1.00 5.01
C VAL C 69 -25.46 -0.41 5.49
N PRO C 70 -25.57 -0.12 6.79
CA PRO C 70 -26.81 0.46 7.32
C PRO C 70 -26.85 1.98 7.15
N PHE C 71 -27.91 2.49 6.53
CA PHE C 71 -28.05 3.94 6.40
C PHE C 71 -29.45 4.32 5.91
N GLY C 72 -29.74 5.61 5.86
CA GLY C 72 -31.04 6.06 5.38
C GLY C 72 -32.25 5.46 6.10
N GLY C 73 -32.00 4.48 6.96
CA GLY C 73 -33.07 3.82 7.71
C GLY C 73 -33.16 2.32 7.44
N GLU C 74 -32.36 1.83 6.50
CA GLU C 74 -32.37 0.41 6.15
C GLU C 74 -31.01 -0.12 5.71
N GLN C 75 -30.81 -1.42 5.85
CA GLN C 75 -29.55 -2.02 5.42
C GLN C 75 -29.45 -1.86 3.89
N ASN C 76 -28.23 -1.80 3.36
CA ASN C 76 -28.01 -1.62 1.92
C ASN C 76 -26.81 -2.38 1.35
N PRO C 77 -26.91 -2.82 0.08
CA PRO C 77 -25.80 -3.55 -0.53
C PRO C 77 -24.75 -2.62 -1.16
N ILE C 78 -23.49 -2.87 -0.86
CA ILE C 78 -22.41 -2.05 -1.40
C ILE C 78 -21.32 -2.98 -1.93
N TYR C 79 -20.79 -2.66 -3.11
CA TYR C 79 -19.73 -3.46 -3.72
C TYR C 79 -18.40 -2.74 -3.40
N TRP C 80 -17.82 -3.03 -2.25
CA TRP C 80 -16.57 -2.38 -1.87
C TRP C 80 -15.40 -2.81 -2.76
N ALA C 81 -15.48 -4.03 -3.31
CA ALA C 81 -14.41 -4.58 -4.15
C ALA C 81 -13.98 -3.70 -5.31
N ARG C 82 -14.84 -2.76 -5.70
CA ARG C 82 -14.52 -1.84 -6.78
C ARG C 82 -13.43 -0.93 -6.29
N TYR C 83 -13.60 -0.44 -5.07
CA TYR C 83 -12.64 0.49 -4.48
C TYR C 83 -11.33 -0.18 -4.23
N ALA C 84 -11.36 -1.48 -3.99
CA ALA C 84 -10.15 -2.25 -3.76
C ALA C 84 -9.40 -2.19 -5.09
N ASP C 85 -10.14 -2.43 -6.16
CA ASP C 85 -9.67 -2.43 -7.54
C ASP C 85 -9.12 -1.04 -7.92
N TRP C 86 -10.01 -0.06 -7.93
CA TRP C 86 -9.70 1.33 -8.25
C TRP C 86 -8.51 1.91 -7.49
N LEU C 87 -8.42 1.59 -6.20
CA LEU C 87 -7.32 2.05 -5.35
C LEU C 87 -5.96 1.87 -6.04
N PHE C 88 -5.73 0.69 -6.62
CA PHE C 88 -4.48 0.39 -7.32
C PHE C 88 -4.57 0.59 -8.83
N THR C 89 -5.76 0.42 -9.37
CA THR C 89 -5.93 0.53 -10.81
C THR C 89 -5.80 1.94 -11.41
N THR C 90 -6.58 2.88 -10.91
CA THR C 90 -6.55 4.24 -11.41
C THR C 90 -5.15 4.89 -11.44
N PRO C 91 -4.35 4.74 -10.36
CA PRO C 91 -3.02 5.35 -10.41
C PRO C 91 -2.13 4.76 -11.51
N LEU C 92 -2.32 3.48 -11.81
CA LEU C 92 -1.53 2.85 -12.89
C LEU C 92 -1.90 3.49 -14.25
N LEU C 93 -3.17 3.86 -14.39
CA LEU C 93 -3.63 4.52 -15.61
C LEU C 93 -2.96 5.89 -15.68
N LEU C 94 -2.73 6.48 -14.52
CA LEU C 94 -2.07 7.78 -14.45
C LEU C 94 -0.59 7.62 -14.75
N LEU C 95 -0.01 6.52 -14.27
CA LEU C 95 1.40 6.24 -14.49
C LEU C 95 1.68 6.09 -15.99
N ASP C 96 0.78 5.40 -16.69
CA ASP C 96 0.90 5.20 -18.13
C ASP C 96 0.94 6.57 -18.80
N LEU C 97 0.03 7.44 -18.38
CA LEU C 97 -0.09 8.79 -18.91
C LEU C 97 1.08 9.68 -18.51
N ALA C 98 1.63 9.45 -17.31
CA ALA C 98 2.76 10.23 -16.83
C ALA C 98 4.02 9.78 -17.57
N LEU C 99 4.19 8.47 -17.71
CA LEU C 99 5.36 7.94 -18.42
C LEU C 99 5.36 8.34 -19.90
N LEU C 100 4.17 8.51 -20.49
CA LEU C 100 4.05 8.88 -21.90
C LEU C 100 4.51 10.31 -22.17
N VAL C 101 4.13 11.22 -21.28
CA VAL C 101 4.47 12.63 -21.38
C VAL C 101 5.80 12.94 -20.65
N ASP C 102 6.44 11.89 -20.16
CA ASP C 102 7.70 12.03 -19.43
C ASP C 102 7.55 13.08 -18.33
N ALA C 103 6.46 12.98 -17.56
CA ALA C 103 6.15 13.92 -16.48
C ALA C 103 7.15 13.91 -15.30
N ASP C 104 7.30 15.07 -14.65
CA ASP C 104 8.20 15.24 -13.51
C ASP C 104 7.78 14.40 -12.31
N GLN C 105 8.77 13.84 -11.60
CA GLN C 105 8.51 13.02 -10.40
C GLN C 105 7.65 13.75 -9.40
N GLY C 106 7.69 15.08 -9.45
CA GLY C 106 6.89 15.89 -8.57
C GLY C 106 5.42 15.72 -8.86
N THR C 107 5.03 15.86 -10.13
CA THR C 107 3.63 15.73 -10.53
C THR C 107 3.11 14.30 -10.49
N ILE C 108 4.00 13.32 -10.68
CA ILE C 108 3.58 11.91 -10.62
C ILE C 108 3.10 11.62 -9.21
N LEU C 109 3.87 12.04 -8.22
CA LEU C 109 3.51 11.83 -6.83
C LEU C 109 2.25 12.65 -6.49
N ALA C 110 2.22 13.89 -6.95
CA ALA C 110 1.07 14.77 -6.70
C ALA C 110 -0.18 14.26 -7.39
N LEU C 111 0.02 13.31 -8.30
CA LEU C 111 -1.06 12.73 -9.07
C LEU C 111 -1.54 11.45 -8.40
N VAL C 112 -0.61 10.53 -8.16
CA VAL C 112 -0.92 9.26 -7.51
C VAL C 112 -1.61 9.56 -6.16
N GLY C 113 -0.92 10.31 -5.30
CA GLY C 113 -1.47 10.66 -4.01
C GLY C 113 -2.88 11.24 -4.07
N ALA C 114 -3.13 12.15 -5.01
CA ALA C 114 -4.47 12.74 -5.14
C ALA C 114 -5.49 11.66 -5.52
N ASP C 115 -5.02 10.68 -6.29
CA ASP C 115 -5.85 9.58 -6.70
C ASP C 115 -6.17 8.72 -5.48
N GLY C 116 -5.16 8.56 -4.62
CA GLY C 116 -5.35 7.79 -3.40
C GLY C 116 -6.47 8.41 -2.59
N ILE C 117 -6.44 9.73 -2.44
CA ILE C 117 -7.48 10.40 -1.69
C ILE C 117 -8.83 10.24 -2.39
N MET C 118 -8.82 10.26 -3.73
CA MET C 118 -10.03 10.12 -4.55
C MET C 118 -10.75 8.81 -4.34
N ILE C 119 -10.02 7.69 -4.39
CA ILE C 119 -10.63 6.40 -4.17
C ILE C 119 -10.94 6.27 -2.68
N GLY C 120 -9.88 6.34 -1.86
CA GLY C 120 -10.00 6.24 -0.41
C GLY C 120 -11.18 7.01 0.15
N THR C 121 -11.34 8.27 -0.22
CA THR C 121 -12.46 9.07 0.28
C THR C 121 -13.77 8.49 -0.20
N GLY C 122 -13.77 8.04 -1.47
CA GLY C 122 -14.95 7.44 -2.06
C GLY C 122 -15.35 6.25 -1.22
N LEU C 123 -14.39 5.37 -0.95
CA LEU C 123 -14.65 4.19 -0.14
C LEU C 123 -15.33 4.58 1.19
N VAL C 124 -14.78 5.58 1.86
CA VAL C 124 -15.28 6.06 3.14
C VAL C 124 -16.72 6.48 3.06
N GLY C 125 -17.07 7.22 2.00
CA GLY C 125 -18.43 7.71 1.84
C GLY C 125 -19.36 6.58 1.50
N ALA C 126 -18.82 5.60 0.80
CA ALA C 126 -19.59 4.44 0.40
C ALA C 126 -20.02 3.65 1.62
N LEU C 127 -19.16 3.64 2.64
CA LEU C 127 -19.39 2.88 3.87
C LEU C 127 -19.91 3.66 5.07
N THR C 128 -20.20 4.93 4.85
CA THR C 128 -20.70 5.81 5.92
C THR C 128 -22.16 5.52 6.26
N LYS C 129 -22.42 5.29 7.54
CA LYS C 129 -23.75 4.99 8.03
C LYS C 129 -24.66 6.23 8.06
N VAL C 130 -24.10 7.40 8.33
CA VAL C 130 -24.89 8.63 8.35
C VAL C 130 -25.07 9.04 6.89
N TYR C 131 -26.32 9.07 6.43
CA TYR C 131 -26.64 9.39 5.02
C TYR C 131 -26.15 10.74 4.47
N SER C 132 -26.34 11.80 5.25
CA SER C 132 -25.92 13.14 4.84
C SER C 132 -24.41 13.23 4.57
N TYR C 133 -23.63 12.61 5.45
CA TYR C 133 -22.17 12.62 5.35
C TYR C 133 -21.61 12.00 4.08
N ARG C 134 -22.32 11.00 3.54
CA ARG C 134 -21.86 10.32 2.31
C ARG C 134 -21.60 11.30 1.17
N PHE C 135 -22.43 12.34 1.08
CA PHE C 135 -22.26 13.35 0.05
C PHE C 135 -21.08 14.28 0.33
N VAL C 136 -20.78 14.50 1.62
CA VAL C 136 -19.64 15.33 2.01
C VAL C 136 -18.40 14.66 1.45
N TRP C 137 -18.30 13.35 1.60
CA TRP C 137 -17.17 12.59 1.07
C TRP C 137 -17.19 12.62 -0.47
N TRP C 138 -18.39 12.53 -1.04
CA TRP C 138 -18.54 12.55 -2.49
C TRP C 138 -17.93 13.85 -3.02
N ALA C 139 -18.39 14.98 -2.45
CA ALA C 139 -17.90 16.31 -2.83
C ALA C 139 -16.38 16.30 -2.80
N ILE C 140 -15.80 15.90 -1.68
CA ILE C 140 -14.35 15.85 -1.54
C ILE C 140 -13.66 14.95 -2.59
N SER C 141 -14.19 13.75 -2.82
CA SER C 141 -13.60 12.82 -3.80
C SER C 141 -13.64 13.39 -5.21
N THR C 142 -14.71 14.11 -5.50
CA THR C 142 -14.89 14.74 -6.80
C THR C 142 -13.88 15.89 -6.96
N ALA C 143 -13.66 16.65 -5.90
CA ALA C 143 -12.70 17.75 -5.95
C ALA C 143 -11.32 17.17 -6.24
N ALA C 144 -11.05 15.99 -5.69
CA ALA C 144 -9.76 15.33 -5.90
C ALA C 144 -9.66 14.92 -7.36
N MET C 145 -10.70 14.29 -7.89
CA MET C 145 -10.71 13.90 -9.31
C MET C 145 -10.49 15.17 -10.17
N LEU C 146 -11.38 16.15 -10.04
CA LEU C 146 -11.28 17.41 -10.79
C LEU C 146 -9.85 17.93 -10.87
N TYR C 147 -9.13 17.89 -9.75
CA TYR C 147 -7.73 18.34 -9.74
C TYR C 147 -6.95 17.46 -10.70
N ILE C 148 -7.04 16.15 -10.47
CA ILE C 148 -6.36 15.17 -11.28
C ILE C 148 -6.60 15.40 -12.76
N LEU C 149 -7.82 15.72 -13.16
CA LEU C 149 -8.08 15.93 -14.60
C LEU C 149 -7.49 17.23 -15.08
N TYR C 150 -7.33 18.18 -14.16
CA TYR C 150 -6.78 19.47 -14.52
C TYR C 150 -5.34 19.33 -14.97
N VAL C 151 -4.51 18.73 -14.14
CA VAL C 151 -3.10 18.55 -14.48
C VAL C 151 -2.93 17.66 -15.70
N LEU C 152 -3.98 16.93 -16.08
CA LEU C 152 -3.93 16.05 -17.24
C LEU C 152 -4.29 16.85 -18.48
N PHE C 153 -5.40 17.58 -18.39
CA PHE C 153 -5.86 18.41 -19.48
C PHE C 153 -4.98 19.64 -19.64
N PHE C 154 -5.18 20.63 -18.77
CA PHE C 154 -4.42 21.86 -18.84
C PHE C 154 -2.97 21.73 -18.36
N GLY C 155 -2.45 20.50 -18.33
CA GLY C 155 -1.08 20.34 -17.87
C GLY C 155 -0.24 19.39 -18.69
N PHE C 156 -0.72 18.17 -18.84
CA PHE C 156 0.01 17.17 -19.62
C PHE C 156 -0.10 17.41 -21.13
N THR C 157 -1.06 18.21 -21.55
CA THR C 157 -1.22 18.53 -22.96
C THR C 157 0.00 19.32 -23.45
N SER C 158 0.23 20.48 -22.81
CA SER C 158 1.35 21.37 -23.16
C SER C 158 2.71 20.69 -23.14
N LYS C 159 2.89 19.72 -22.26
CA LYS C 159 4.17 19.00 -22.20
C LYS C 159 4.21 17.94 -23.30
N ALA C 160 3.02 17.53 -23.75
CA ALA C 160 2.88 16.54 -24.80
C ALA C 160 3.15 17.23 -26.13
N GLU C 161 2.55 18.41 -26.32
CA GLU C 161 2.74 19.22 -27.53
C GLU C 161 4.16 19.79 -27.56
N SER C 162 5.15 18.94 -27.31
CA SER C 162 6.56 19.32 -27.28
C SER C 162 7.43 18.08 -27.40
N MET C 163 6.78 16.92 -27.37
CA MET C 163 7.47 15.65 -27.48
C MET C 163 7.59 15.32 -28.98
N ARG C 164 6.92 14.25 -29.40
CA ARG C 164 6.91 13.84 -30.79
C ARG C 164 5.45 13.94 -31.23
N PRO C 165 5.19 14.13 -32.53
CA PRO C 165 3.82 14.22 -33.01
C PRO C 165 2.99 12.95 -32.70
N GLU C 166 3.68 11.81 -32.54
CA GLU C 166 3.01 10.56 -32.20
C GLU C 166 2.55 10.69 -30.75
N VAL C 167 3.53 11.00 -29.89
CA VAL C 167 3.29 11.18 -28.46
C VAL C 167 2.17 12.20 -28.25
N ALA C 168 2.32 13.39 -28.81
CA ALA C 168 1.33 14.43 -28.67
C ALA C 168 -0.07 13.99 -29.14
N SER C 169 -0.11 13.09 -30.13
CA SER C 169 -1.38 12.60 -30.66
C SER C 169 -1.95 11.45 -29.85
N THR C 170 -1.09 10.52 -29.44
CA THR C 170 -1.51 9.40 -28.62
C THR C 170 -2.08 9.92 -27.31
N PHE C 171 -1.30 10.79 -26.64
CA PHE C 171 -1.71 11.33 -25.35
C PHE C 171 -3.02 12.08 -25.41
N LYS C 172 -3.24 12.83 -26.48
CA LYS C 172 -4.49 13.57 -26.60
C LYS C 172 -5.70 12.65 -26.65
N VAL C 173 -5.61 11.57 -27.43
CA VAL C 173 -6.71 10.63 -27.54
C VAL C 173 -7.03 10.06 -26.16
N LEU C 174 -6.00 9.57 -25.48
CA LEU C 174 -6.18 8.99 -24.16
C LEU C 174 -6.81 10.05 -23.27
N ARG C 175 -6.19 11.23 -23.25
CA ARG C 175 -6.66 12.36 -22.45
C ARG C 175 -8.16 12.58 -22.68
N ASN C 176 -8.59 12.46 -23.94
CA ASN C 176 -9.99 12.65 -24.30
C ASN C 176 -10.83 11.53 -23.71
N VAL C 177 -10.31 10.30 -23.83
CA VAL C 177 -11.02 9.15 -23.31
C VAL C 177 -11.16 9.19 -21.80
N THR C 178 -10.06 9.46 -21.08
CA THR C 178 -10.09 9.50 -19.62
C THR C 178 -10.97 10.61 -19.08
N VAL C 179 -10.74 11.85 -19.49
CA VAL C 179 -11.52 12.97 -19.02
C VAL C 179 -13.03 12.72 -19.17
N VAL C 180 -13.39 11.96 -20.19
CA VAL C 180 -14.78 11.67 -20.48
C VAL C 180 -15.37 10.51 -19.68
N LEU C 181 -14.64 9.40 -19.62
CA LEU C 181 -15.09 8.23 -18.89
C LEU C 181 -14.94 8.41 -17.38
N TRP C 182 -13.84 9.02 -16.93
CA TRP C 182 -13.65 9.23 -15.50
C TRP C 182 -14.69 10.18 -14.94
N SER C 183 -15.01 11.24 -15.65
CA SER C 183 -15.98 12.20 -15.10
C SER C 183 -17.39 11.67 -14.91
N ALA C 184 -17.66 10.46 -15.39
CA ALA C 184 -18.99 9.85 -15.25
C ALA C 184 -19.16 9.17 -13.88
N TYR C 185 -18.07 8.58 -13.39
CA TYR C 185 -18.09 7.88 -12.11
C TYR C 185 -18.80 8.63 -10.97
N PRO C 186 -18.52 9.93 -10.80
CA PRO C 186 -19.20 10.69 -9.73
C PRO C 186 -20.69 10.85 -10.01
N VAL C 187 -21.06 10.80 -11.29
CA VAL C 187 -22.46 10.94 -11.68
C VAL C 187 -23.20 9.64 -11.45
N VAL C 188 -22.57 8.51 -11.80
CA VAL C 188 -23.17 7.19 -11.61
C VAL C 188 -23.40 6.94 -10.12
N TRP C 189 -22.35 7.17 -9.34
CA TRP C 189 -22.34 6.98 -7.87
C TRP C 189 -23.37 7.88 -7.20
N LEU C 190 -23.51 9.12 -7.68
CA LEU C 190 -24.46 10.02 -7.06
C LEU C 190 -25.90 9.62 -7.27
N ILE C 191 -26.20 9.06 -8.43
CA ILE C 191 -27.55 8.66 -8.76
C ILE C 191 -27.80 7.19 -8.43
N GLY C 192 -26.69 6.47 -8.22
CA GLY C 192 -26.72 5.05 -7.92
C GLY C 192 -27.09 4.63 -6.50
N SER C 193 -27.05 3.32 -6.29
CA SER C 193 -27.40 2.69 -5.01
C SER C 193 -26.58 3.19 -3.82
N GLU C 194 -25.42 3.76 -4.10
CA GLU C 194 -24.54 4.28 -3.05
C GLU C 194 -24.76 5.76 -2.75
N GLY C 195 -25.79 6.37 -3.32
CA GLY C 195 -26.05 7.78 -3.07
C GLY C 195 -27.53 7.97 -2.92
N ALA C 196 -28.16 8.69 -3.86
CA ALA C 196 -29.61 8.88 -3.84
C ALA C 196 -30.26 7.63 -4.48
N GLY C 197 -31.57 7.47 -4.36
CA GLY C 197 -32.20 6.28 -4.93
C GLY C 197 -32.68 6.36 -6.37
N ILE C 198 -32.30 7.43 -7.09
CA ILE C 198 -32.71 7.64 -8.47
C ILE C 198 -32.69 6.42 -9.38
N VAL C 199 -31.67 5.59 -9.21
CA VAL C 199 -31.44 4.41 -10.03
C VAL C 199 -31.04 3.21 -9.16
N PRO C 200 -31.59 2.00 -9.43
CA PRO C 200 -31.26 0.80 -8.67
C PRO C 200 -29.82 0.31 -8.84
N LEU C 201 -29.37 -0.55 -7.93
CA LEU C 201 -28.01 -1.10 -7.95
C LEU C 201 -27.76 -1.89 -9.23
N ASN C 202 -28.83 -2.43 -9.78
CA ASN C 202 -28.75 -3.22 -11.00
C ASN C 202 -28.07 -2.39 -12.08
N ILE C 203 -28.73 -1.30 -12.47
CA ILE C 203 -28.19 -0.43 -13.49
C ILE C 203 -26.86 0.20 -13.07
N GLU C 204 -26.69 0.48 -11.78
CA GLU C 204 -25.43 1.09 -11.33
C GLU C 204 -24.29 0.10 -11.51
N THR C 205 -24.59 -1.19 -11.50
CA THR C 205 -23.52 -2.16 -11.70
C THR C 205 -23.22 -2.22 -13.20
N LEU C 206 -24.27 -2.02 -14.00
CA LEU C 206 -24.16 -2.05 -15.46
C LEU C 206 -23.31 -0.85 -15.92
N LEU C 207 -23.73 0.34 -15.52
CA LEU C 207 -23.03 1.56 -15.86
C LEU C 207 -21.53 1.44 -15.59
N PHE C 208 -21.16 1.08 -14.37
CA PHE C 208 -19.76 0.92 -14.01
C PHE C 208 -19.04 -0.15 -14.82
N MET C 209 -19.79 -1.15 -15.28
CA MET C 209 -19.20 -2.23 -16.06
C MET C 209 -18.84 -1.75 -17.48
N VAL C 210 -19.68 -0.87 -18.02
CA VAL C 210 -19.45 -0.30 -19.33
C VAL C 210 -18.24 0.61 -19.25
N LEU C 211 -18.25 1.46 -18.23
CA LEU C 211 -17.18 2.44 -17.98
C LEU C 211 -15.87 1.79 -17.61
N ASP C 212 -15.91 0.72 -16.83
CA ASP C 212 -14.67 0.03 -16.44
C ASP C 212 -13.99 -0.64 -17.62
N VAL C 213 -14.77 -1.37 -18.41
CA VAL C 213 -14.25 -2.09 -19.59
C VAL C 213 -13.60 -1.16 -20.58
N SER C 214 -14.27 -0.04 -20.86
CA SER C 214 -13.71 0.90 -21.81
C SER C 214 -12.53 1.65 -21.22
N ALA C 215 -12.71 2.22 -20.03
CA ALA C 215 -11.63 2.99 -19.38
C ALA C 215 -10.37 2.19 -19.08
N LYS C 216 -10.43 0.87 -19.21
CA LYS C 216 -9.24 0.06 -18.97
C LYS C 216 -8.82 -0.65 -20.24
N VAL C 217 -9.64 -1.61 -20.68
CA VAL C 217 -9.34 -2.38 -21.87
C VAL C 217 -9.31 -1.50 -23.12
N GLY C 218 -10.22 -0.50 -23.17
CA GLY C 218 -10.28 0.40 -24.31
C GLY C 218 -9.08 1.32 -24.36
N PHE C 219 -8.79 1.94 -23.23
CA PHE C 219 -7.63 2.83 -23.04
C PHE C 219 -6.39 1.98 -23.37
N GLY C 220 -6.29 0.79 -22.78
CA GLY C 220 -5.16 -0.07 -23.00
C GLY C 220 -4.87 -0.36 -24.46
N LEU C 221 -5.92 -0.42 -25.29
CA LEU C 221 -5.73 -0.68 -26.72
C LEU C 221 -5.14 0.53 -27.41
N ILE C 222 -5.85 1.66 -27.33
CA ILE C 222 -5.41 2.90 -27.94
C ILE C 222 -3.92 3.12 -27.67
N LEU C 223 -3.48 2.72 -26.48
CA LEU C 223 -2.09 2.88 -26.09
C LEU C 223 -1.10 1.85 -26.66
N LEU C 224 -1.33 0.57 -26.38
CA LEU C 224 -0.43 -0.50 -26.86
C LEU C 224 -0.38 -0.70 -28.37
N ARG C 225 -0.97 0.23 -29.13
CA ARG C 225 -0.99 0.16 -30.58
C ARG C 225 -0.46 1.46 -31.18
N SER C 226 0.10 2.33 -30.36
CA SER C 226 0.62 3.61 -30.82
C SER C 226 2.09 3.61 -31.17
N ARG C 227 2.86 2.71 -30.55
CA ARG C 227 4.31 2.63 -30.78
C ARG C 227 5.01 3.93 -30.34
N ALA C 228 4.20 4.92 -29.95
CA ALA C 228 4.69 6.20 -29.44
C ALA C 228 4.99 5.91 -27.98
N ILE C 229 5.66 4.76 -27.79
CA ILE C 229 6.09 4.24 -26.51
C ILE C 229 7.50 3.77 -26.76
N PHE C 230 8.08 4.30 -27.85
CA PHE C 230 9.44 4.01 -28.29
C PHE C 230 9.80 2.51 -28.31
N GLY C 231 8.82 1.67 -28.61
CA GLY C 231 9.07 0.23 -28.63
C GLY C 231 8.48 -0.51 -29.81
N GLU C 232 9.32 -1.30 -30.47
CA GLU C 232 8.96 -2.10 -31.64
C GLU C 232 9.93 -3.27 -31.81
#